data_4D6W
#
_entry.id   4D6W
#
_cell.length_a   365.590
_cell.length_b   83.500
_cell.length_c   60.820
_cell.angle_alpha   90.00
_cell.angle_beta   96.95
_cell.angle_gamma   90.00
#
_symmetry.space_group_name_H-M   'C 1 2 1'
#
loop_
_entity.id
_entity.type
_entity.pdbx_description
1 polymer 'GLYCOPROTEIN G'
2 branched 2-acetamido-2-deoxy-beta-D-glucopyranose-(1-4)-2-acetamido-2-deoxy-beta-D-glucopyranose
3 branched alpha-L-fucopyranose-(1-6)-2-acetamido-2-deoxy-beta-D-glucopyranose
4 non-polymer 2-acetamido-2-deoxy-beta-D-glucopyranose
5 water water
#
_entity_poly.entity_id   1
_entity_poly.type   'polypeptide(L)'
_entity_poly.pdbx_seq_one_letter_code
;YLSIAFPENTKLDWKPVTKNTRYCPMGGEWFLEPGLQEESFLSSTPIGATPSKSDGFLCHAAKWVTTCDFRWYGPKYITH
SIHNIKPTRSDCDTALASYKSGTLVSLGFPPESCGYASVTDSEFLVIMITPHHVGVDDYRGHWVDPLFVGGECDQSYCDT
IHNSSVWIPADQTKKNICGQSFTPLTVTVAYDKTKEIAAGGIVFKSKYHSHMEGARTCRLSYCGRNGIKFPNGEWVSLDV
KTRIQEKHLLPLFKECPAGTEVRSTLQSDGAQVLTSEIQRILDYSLCQNTWDKVERKEPLSPLDLSYLASKSPGKGLAYT
VINGTLSFAHTRYVRMWIDGPVLKEPKGKRESPSGISSDIWTQWFKYGDMEIGPNGLLKTAGGYKFPWHLIGMGIVDNEL
HELSEANPLDHPQLPHAQS
;
_entity_poly.pdbx_strand_id   A,B,C
#
loop_
_chem_comp.id
_chem_comp.type
_chem_comp.name
_chem_comp.formula
FUC L-saccharide, alpha linking alpha-L-fucopyranose 'C6 H12 O5'
NAG D-saccharide, beta linking 2-acetamido-2-deoxy-beta-D-glucopyranose 'C8 H15 N O6'
#
# COMPACT_ATOMS: atom_id res chain seq x y z
N TYR A 1 -0.84 27.03 12.76
CA TYR A 1 -0.58 25.75 12.14
C TYR A 1 -1.21 24.57 12.87
N LEU A 2 -1.89 24.81 13.99
CA LEU A 2 -2.56 23.72 14.72
C LEU A 2 -4.05 23.51 14.41
N SER A 3 -4.57 22.29 14.55
CA SER A 3 -6.03 22.14 14.43
C SER A 3 -6.60 21.70 15.77
N ILE A 4 -7.82 22.17 16.03
CA ILE A 4 -8.56 21.89 17.24
C ILE A 4 -10.06 21.87 16.96
N ALA A 5 -10.86 21.31 17.87
CA ALA A 5 -12.32 21.49 17.87
C ALA A 5 -12.58 22.45 19.00
N PHE A 6 -13.36 23.49 18.74
CA PHE A 6 -13.59 24.48 19.77
C PHE A 6 -15.06 24.79 19.71
N PRO A 7 -15.66 25.13 20.87
CA PRO A 7 -17.06 25.55 20.80
C PRO A 7 -17.11 26.78 19.90
N GLU A 8 -18.10 26.87 19.02
CA GLU A 8 -18.07 27.94 18.05
C GLU A 8 -18.20 29.27 18.79
N ASN A 9 -19.05 29.32 19.80
CA ASN A 9 -19.31 30.58 20.50
C ASN A 9 -18.23 31.06 21.47
N THR A 10 -18.20 32.34 21.78
CA THR A 10 -17.17 32.86 22.67
C THR A 10 -17.68 32.97 24.09
N LYS A 11 -18.93 32.56 24.27
CA LYS A 11 -19.64 32.60 25.55
C LYS A 11 -20.64 31.47 25.60
N LEU A 12 -20.76 30.82 26.74
CA LEU A 12 -21.79 29.80 26.84
C LEU A 12 -22.63 30.02 28.04
N ASP A 13 -23.82 29.43 28.01
CA ASP A 13 -24.72 29.46 29.15
C ASP A 13 -24.32 28.34 30.10
N TRP A 14 -23.66 28.70 31.20
CA TRP A 14 -23.14 27.63 32.02
C TRP A 14 -24.09 27.21 33.12
N LYS A 15 -24.12 25.91 33.34
CA LYS A 15 -24.94 25.31 34.36
C LYS A 15 -24.15 24.31 35.25
N PRO A 16 -24.26 24.43 36.59
CA PRO A 16 -23.60 23.45 37.44
C PRO A 16 -23.99 22.03 37.16
N VAL A 17 -22.96 21.17 37.20
CA VAL A 17 -23.03 19.74 36.98
C VAL A 17 -23.51 19.14 38.28
N THR A 18 -24.55 18.32 38.17
CA THR A 18 -25.23 17.66 39.29
C THR A 18 -24.49 16.41 39.78
N LYS A 19 -24.71 16.07 41.05
CA LYS A 19 -23.93 15.04 41.73
C LYS A 19 -24.24 13.65 41.19
N ASN A 20 -23.17 12.91 40.93
CA ASN A 20 -23.22 11.57 40.33
C ASN A 20 -23.83 11.63 38.94
N THR A 21 -23.23 12.46 38.09
CA THR A 21 -23.59 12.56 36.68
C THR A 21 -22.34 12.19 35.90
N ARG A 22 -22.43 11.31 34.92
CA ARG A 22 -21.17 10.81 34.38
C ARG A 22 -21.14 10.54 32.88
N TYR A 23 -21.24 11.62 32.11
CA TYR A 23 -21.49 11.56 30.67
C TYR A 23 -20.29 11.80 29.77
N CYS A 24 -19.55 10.74 29.45
CA CYS A 24 -18.43 10.82 28.51
C CYS A 24 -18.82 10.19 27.15
N PRO A 25 -18.47 10.85 26.00
CA PRO A 25 -18.79 10.34 24.64
C PRO A 25 -18.09 9.04 24.25
N PRO A 34 -30.77 4.66 21.61
CA PRO A 34 -30.65 5.47 20.40
C PRO A 34 -31.50 4.92 19.26
N GLY A 35 -31.73 3.61 19.23
CA GLY A 35 -32.57 3.06 18.18
C GLY A 35 -31.88 2.88 16.83
N LEU A 36 -30.56 2.65 16.84
CA LEU A 36 -29.75 2.37 15.62
C LEU A 36 -30.17 1.17 14.82
N GLN A 37 -29.92 1.25 13.54
CA GLN A 37 -30.11 0.11 12.69
C GLN A 37 -29.00 0.01 11.66
N GLU A 38 -28.46 -1.18 11.44
CA GLU A 38 -27.40 -1.35 10.46
C GLU A 38 -27.81 -2.35 9.39
N GLU A 39 -27.63 -1.99 8.14
CA GLU A 39 -27.84 -2.93 7.06
C GLU A 39 -26.60 -2.97 6.16
N SER A 40 -26.18 -4.17 5.77
CA SER A 40 -25.02 -4.30 4.89
C SER A 40 -25.43 -4.78 3.52
N PHE A 41 -24.83 -4.22 2.49
CA PHE A 41 -25.02 -4.71 1.13
C PHE A 41 -23.69 -5.00 0.47
N LEU A 42 -23.73 -5.80 -0.59
CA LEU A 42 -22.52 -6.18 -1.27
C LEU A 42 -22.15 -5.12 -2.33
N SER A 43 -20.88 -4.76 -2.41
CA SER A 43 -20.45 -3.64 -3.23
C SER A 43 -19.07 -3.86 -3.82
N SER A 44 -18.60 -2.90 -4.58
CA SER A 44 -17.36 -3.06 -5.32
C SER A 44 -16.60 -1.76 -5.38
N THR A 45 -15.34 -1.74 -5.01
CA THR A 45 -14.61 -0.49 -5.07
C THR A 45 -13.36 -0.67 -5.91
N PRO A 46 -12.90 0.39 -6.58
CA PRO A 46 -11.71 0.27 -7.44
C PRO A 46 -10.35 0.23 -6.72
N ILE A 47 -9.44 -0.62 -7.20
CA ILE A 47 -8.14 -0.78 -6.54
C ILE A 47 -7.11 0.18 -7.13
N GLY A 48 -7.23 0.42 -8.42
CA GLY A 48 -6.30 1.31 -9.07
C GLY A 48 -6.28 1.01 -10.53
N ALA A 49 -5.72 1.90 -11.32
CA ALA A 49 -5.71 1.66 -12.73
C ALA A 49 -4.78 0.50 -13.08
N THR A 50 -5.30 -0.42 -13.88
CA THR A 50 -4.50 -1.45 -14.50
C THR A 50 -4.56 -1.26 -16.02
N PRO A 51 -3.41 -0.86 -16.64
CA PRO A 51 -3.35 -0.43 -18.05
C PRO A 51 -3.51 -1.57 -19.04
N SER A 52 -3.35 -2.78 -18.54
CA SER A 52 -3.54 -4.02 -19.30
C SER A 52 -4.91 -4.05 -20.00
N LYS A 53 -5.85 -3.18 -19.59
CA LYS A 53 -7.22 -3.16 -20.15
C LYS A 53 -7.33 -2.26 -21.36
N SER A 54 -6.48 -1.25 -21.44
CA SER A 54 -6.58 -0.31 -22.55
C SER A 54 -5.60 -0.61 -23.67
N ASP A 55 -5.01 -1.81 -23.63
CA ASP A 55 -4.17 -2.31 -24.71
C ASP A 55 -5.00 -2.52 -25.97
N GLY A 56 -4.38 -2.42 -27.13
CA GLY A 56 -5.14 -2.60 -28.35
C GLY A 56 -4.27 -2.76 -29.57
N PHE A 57 -4.93 -2.85 -30.73
CA PHE A 57 -4.27 -3.17 -31.98
C PHE A 57 -4.69 -2.25 -33.11
N LEU A 58 -3.73 -1.86 -33.95
CA LEU A 58 -4.04 -1.06 -35.10
C LEU A 58 -4.12 -1.97 -36.32
N CYS A 59 -5.35 -2.16 -36.79
CA CYS A 59 -5.63 -2.96 -37.98
C CYS A 59 -5.51 -2.08 -39.21
N HIS A 60 -4.58 -2.43 -40.10
CA HIS A 60 -4.32 -1.64 -41.30
C HIS A 60 -4.40 -2.43 -42.61
N ALA A 61 -5.40 -2.12 -43.42
CA ALA A 61 -5.62 -2.82 -44.68
C ALA A 61 -5.11 -2.06 -45.89
N ALA A 62 -4.61 -2.81 -46.86
CA ALA A 62 -4.16 -2.25 -48.11
C ALA A 62 -4.15 -3.38 -49.13
N LYS A 63 -4.44 -3.03 -50.38
CA LYS A 63 -4.33 -3.96 -51.51
C LYS A 63 -3.02 -3.73 -52.25
N TRP A 64 -2.22 -4.80 -52.37
CA TRP A 64 -0.96 -4.76 -53.11
C TRP A 64 -1.17 -5.29 -54.53
N VAL A 65 -1.22 -4.38 -55.50
CA VAL A 65 -1.64 -4.73 -56.85
C VAL A 65 -0.45 -4.98 -57.77
N THR A 66 -0.53 -6.00 -58.60
CA THR A 66 0.39 -6.16 -59.73
C THR A 66 -0.41 -6.10 -61.05
N THR A 67 -0.32 -4.96 -61.73
CA THR A 67 -1.05 -4.75 -62.98
C THR A 67 -0.23 -5.17 -64.18
N CYS A 68 -0.85 -5.88 -65.11
CA CYS A 68 -0.19 -6.22 -66.37
C CYS A 68 -0.85 -5.46 -67.52
N ASP A 69 -0.23 -4.37 -67.94
CA ASP A 69 -0.76 -3.55 -69.02
C ASP A 69 -0.12 -4.04 -70.32
N PHE A 70 -0.97 -4.39 -71.29
CA PHE A 70 -0.48 -4.93 -72.55
C PHE A 70 -1.30 -4.42 -73.74
N ARG A 71 -0.69 -3.52 -74.51
CA ARG A 71 -1.33 -2.86 -75.66
C ARG A 71 -0.86 -3.44 -77.00
N TRP A 72 -1.11 -2.72 -78.10
CA TRP A 72 -0.79 -3.12 -79.49
C TRP A 72 0.46 -4.00 -79.68
N TYR A 73 1.59 -3.57 -79.13
CA TYR A 73 2.88 -4.25 -79.26
C TYR A 73 3.82 -3.85 -78.11
N GLY A 74 5.09 -4.24 -78.18
CA GLY A 74 6.06 -3.83 -77.17
C GLY A 74 6.20 -4.80 -76.00
N PRO A 75 7.18 -4.56 -75.13
CA PRO A 75 7.47 -5.43 -73.98
C PRO A 75 6.31 -5.56 -73.00
N LYS A 76 6.48 -6.44 -72.03
CA LYS A 76 5.47 -6.64 -71.00
C LYS A 76 5.65 -5.64 -69.86
N TYR A 77 4.84 -4.60 -69.87
CA TYR A 77 4.90 -3.55 -68.87
C TYR A 77 4.23 -4.00 -67.57
N ILE A 78 5.03 -4.14 -66.51
CA ILE A 78 4.50 -4.61 -65.21
C ILE A 78 4.77 -3.64 -64.03
N THR A 79 3.72 -3.32 -63.28
CA THR A 79 3.81 -2.32 -62.21
C THR A 79 3.35 -2.82 -60.85
N HIS A 80 3.82 -2.13 -59.80
CA HIS A 80 3.48 -2.44 -58.41
C HIS A 80 2.97 -1.20 -57.64
N SER A 81 1.74 -1.25 -57.14
CA SER A 81 1.18 -0.14 -56.36
C SER A 81 0.53 -0.65 -55.06
N ILE A 82 0.14 0.28 -54.18
CA ILE A 82 -0.48 -0.04 -52.90
C ILE A 82 -1.70 0.82 -52.58
N HIS A 83 -2.87 0.20 -52.48
CA HIS A 83 -4.10 0.96 -52.24
C HIS A 83 -4.58 0.88 -50.79
N ASN A 84 -4.40 1.96 -50.06
CA ASN A 84 -4.90 1.98 -48.70
C ASN A 84 -6.41 1.94 -48.74
N ILE A 85 -7.01 0.89 -48.18
CA ILE A 85 -8.47 0.79 -48.06
C ILE A 85 -8.87 0.53 -46.60
N LYS A 86 -10.11 0.86 -46.24
CA LYS A 86 -10.60 0.57 -44.89
C LYS A 86 -11.05 -0.86 -44.82
N PRO A 87 -10.56 -1.60 -43.82
CA PRO A 87 -10.92 -3.01 -43.62
C PRO A 87 -12.31 -3.20 -43.01
N THR A 88 -12.93 -4.35 -43.25
CA THR A 88 -14.21 -4.66 -42.62
C THR A 88 -13.96 -5.41 -41.33
N ARG A 89 -15.00 -5.54 -40.53
CA ARG A 89 -14.93 -6.21 -39.24
C ARG A 89 -14.34 -7.63 -39.47
N SER A 90 -14.87 -8.36 -40.45
CA SER A 90 -14.39 -9.72 -40.75
C SER A 90 -12.99 -9.75 -41.30
N ASP A 91 -12.57 -8.66 -41.94
CA ASP A 91 -11.22 -8.55 -42.49
C ASP A 91 -10.21 -8.39 -41.36
N CYS A 92 -10.58 -7.59 -40.36
CA CYS A 92 -9.70 -7.37 -39.23
C CYS A 92 -9.63 -8.56 -38.28
N ASP A 93 -10.80 -9.05 -37.88
CA ASP A 93 -10.91 -10.16 -36.94
C ASP A 93 -10.14 -11.37 -37.40
N THR A 94 -10.16 -11.60 -38.70
CA THR A 94 -9.51 -12.77 -39.27
C THR A 94 -8.01 -12.60 -39.12
N ALA A 95 -7.53 -11.43 -39.54
CA ALA A 95 -6.11 -11.13 -39.51
C ALA A 95 -5.65 -10.88 -38.08
N LEU A 96 -6.60 -10.61 -37.20
CA LEU A 96 -6.28 -10.39 -35.81
C LEU A 96 -5.97 -11.70 -35.10
N ALA A 97 -6.87 -12.67 -35.22
CA ALA A 97 -6.67 -13.94 -34.57
C ALA A 97 -5.47 -14.65 -35.16
N SER A 98 -5.08 -14.27 -36.36
CA SER A 98 -3.86 -14.83 -36.92
C SER A 98 -2.68 -14.17 -36.24
N TYR A 99 -2.86 -12.94 -35.77
CA TYR A 99 -1.80 -12.28 -35.04
C TYR A 99 -1.65 -12.98 -33.69
N LYS A 100 -2.79 -13.31 -33.08
CA LYS A 100 -2.79 -13.95 -31.77
C LYS A 100 -2.14 -15.31 -31.83
N SER A 101 -1.98 -15.84 -33.03
CA SER A 101 -1.42 -17.18 -33.21
C SER A 101 -0.08 -17.20 -33.95
N GLY A 102 0.43 -16.02 -34.33
CA GLY A 102 1.73 -15.93 -34.96
C GLY A 102 1.71 -16.36 -36.41
N THR A 103 0.52 -16.44 -37.01
CA THR A 103 0.35 -16.87 -38.40
C THR A 103 0.21 -15.64 -39.29
N LEU A 104 0.27 -14.45 -38.68
CA LEU A 104 0.17 -13.23 -39.46
C LEU A 104 1.39 -13.13 -40.39
N VAL A 105 1.15 -12.86 -41.68
CA VAL A 105 2.18 -12.80 -42.73
C VAL A 105 1.99 -11.64 -43.71
N SER A 106 3.05 -10.95 -44.14
CA SER A 106 2.99 -9.97 -45.25
C SER A 106 3.46 -10.54 -46.59
N LEU A 107 2.54 -11.04 -47.40
CA LEU A 107 2.95 -11.87 -48.54
C LEU A 107 3.68 -11.11 -49.65
N GLY A 108 3.54 -9.80 -49.70
CA GLY A 108 4.23 -9.01 -50.70
C GLY A 108 3.40 -8.89 -51.98
N PHE A 109 4.06 -8.69 -53.13
CA PHE A 109 3.31 -8.47 -54.36
C PHE A 109 2.95 -9.72 -55.18
N PRO A 110 1.79 -9.67 -55.87
CA PRO A 110 1.25 -10.75 -56.71
C PRO A 110 2.11 -11.16 -57.90
N PRO A 111 1.96 -12.41 -58.36
CA PRO A 111 2.50 -12.89 -59.64
C PRO A 111 1.81 -12.20 -60.81
N GLU A 112 2.39 -12.28 -62.01
CA GLU A 112 1.85 -11.55 -63.14
C GLU A 112 0.76 -12.28 -63.89
N SER A 113 -0.40 -11.65 -63.98
CA SER A 113 -1.49 -12.20 -64.76
C SER A 113 -1.67 -11.29 -65.97
N CYS A 114 -1.10 -11.70 -67.10
CA CYS A 114 -1.04 -10.87 -68.30
C CYS A 114 -1.94 -11.40 -69.42
N GLY A 115 -2.37 -10.51 -70.31
CA GLY A 115 -3.24 -10.88 -71.43
C GLY A 115 -3.23 -9.89 -72.58
N TYR A 116 -4.12 -10.08 -73.56
CA TYR A 116 -4.08 -9.33 -74.81
C TYR A 116 -5.33 -8.46 -75.01
N ALA A 117 -5.13 -7.26 -75.55
CA ALA A 117 -6.22 -6.33 -75.92
C ALA A 117 -7.09 -5.83 -74.77
N SER A 118 -6.54 -5.79 -73.55
CA SER A 118 -7.25 -5.20 -72.42
C SER A 118 -6.31 -4.91 -71.26
N VAL A 119 -6.49 -3.76 -70.61
CA VAL A 119 -5.71 -3.45 -69.44
C VAL A 119 -6.43 -3.98 -68.20
N THR A 120 -5.93 -5.11 -67.70
CA THR A 120 -6.50 -5.78 -66.53
C THR A 120 -5.44 -6.07 -65.47
N ASP A 121 -5.85 -6.19 -64.20
CA ASP A 121 -4.91 -6.37 -63.09
C ASP A 121 -5.37 -7.38 -62.03
N SER A 122 -4.40 -7.94 -61.31
CA SER A 122 -4.69 -8.88 -60.21
C SER A 122 -4.08 -8.36 -58.89
N GLU A 123 -4.87 -8.37 -57.81
CA GLU A 123 -4.47 -7.73 -56.55
C GLU A 123 -4.54 -8.63 -55.31
N PHE A 124 -3.65 -8.37 -54.33
CA PHE A 124 -3.66 -9.07 -53.03
C PHE A 124 -4.20 -8.24 -51.88
N LEU A 125 -4.97 -8.86 -50.99
CA LEU A 125 -5.47 -8.19 -49.80
C LEU A 125 -4.59 -8.42 -48.58
N VAL A 126 -3.75 -7.44 -48.27
CA VAL A 126 -2.83 -7.53 -47.13
C VAL A 126 -3.30 -6.71 -45.91
N ILE A 127 -3.57 -7.39 -44.79
CA ILE A 127 -3.97 -6.74 -43.55
C ILE A 127 -2.78 -6.64 -42.60
N MET A 128 -2.63 -5.47 -41.98
CA MET A 128 -1.52 -5.21 -41.07
C MET A 128 -2.01 -5.04 -39.63
N ILE A 129 -1.38 -5.75 -38.70
CA ILE A 129 -1.69 -5.58 -37.27
C ILE A 129 -0.49 -5.04 -36.49
N THR A 130 -0.60 -3.78 -36.02
CA THR A 130 0.41 -3.18 -35.16
C THR A 130 -0.19 -3.00 -33.75
N PRO A 131 0.55 -3.40 -32.68
CA PRO A 131 0.05 -3.24 -31.31
C PRO A 131 -0.03 -1.79 -30.87
N HIS A 132 -1.15 -1.36 -30.28
CA HIS A 132 -1.30 0.04 -29.93
C HIS A 132 -2.14 0.28 -28.66
N HIS A 133 -1.49 0.85 -27.63
CA HIS A 133 -2.08 1.14 -26.33
C HIS A 133 -2.70 2.53 -26.28
N VAL A 134 -3.90 2.61 -25.70
CA VAL A 134 -4.64 3.86 -25.65
C VAL A 134 -4.91 4.29 -24.23
N GLY A 135 -5.53 5.45 -24.10
CA GLY A 135 -5.92 6.00 -22.81
C GLY A 135 -7.42 5.82 -22.58
N VAL A 136 -7.88 6.05 -21.36
CA VAL A 136 -9.29 5.83 -21.05
C VAL A 136 -9.95 6.98 -20.28
N ASP A 137 -11.24 7.20 -20.54
CA ASP A 137 -12.02 8.05 -19.66
C ASP A 137 -13.07 7.18 -18.97
N ASP A 138 -12.74 6.80 -17.72
CA ASP A 138 -13.53 5.92 -16.88
C ASP A 138 -14.86 6.49 -16.47
N TYR A 139 -14.93 7.81 -16.41
CA TYR A 139 -16.15 8.49 -16.04
C TYR A 139 -17.10 8.45 -17.21
N ARG A 140 -16.57 8.93 -18.36
CA ARG A 140 -17.29 9.07 -19.64
C ARG A 140 -17.36 7.76 -20.42
N GLY A 141 -16.66 6.75 -19.92
CA GLY A 141 -16.88 5.38 -20.35
C GLY A 141 -16.55 5.14 -21.80
N HIS A 142 -15.47 5.76 -22.27
CA HIS A 142 -14.97 5.46 -23.60
C HIS A 142 -13.47 5.71 -23.69
N TRP A 143 -12.85 5.10 -24.69
CA TRP A 143 -11.39 5.15 -24.93
C TRP A 143 -10.94 6.48 -25.42
N VAL A 144 -9.65 6.73 -25.31
CA VAL A 144 -9.09 7.97 -25.85
C VAL A 144 -7.65 7.88 -26.34
N ASP A 145 -7.49 8.36 -27.57
CA ASP A 145 -6.22 8.37 -28.28
C ASP A 145 -6.38 9.46 -29.34
N PRO A 146 -5.31 10.19 -29.66
CA PRO A 146 -5.47 11.19 -30.69
C PRO A 146 -5.72 10.61 -32.07
N LEU A 147 -5.28 9.39 -32.37
CA LEU A 147 -5.56 8.81 -33.68
C LEU A 147 -7.05 8.51 -33.92
N PHE A 148 -7.86 8.59 -32.86
CA PHE A 148 -9.30 8.32 -32.94
C PHE A 148 -10.07 9.43 -33.64
N VAL A 149 -11.28 9.15 -34.07
CA VAL A 149 -12.13 10.21 -34.59
C VAL A 149 -12.60 11.09 -33.42
N GLY A 150 -12.14 12.34 -33.39
CA GLY A 150 -12.46 13.27 -32.32
C GLY A 150 -11.57 13.13 -31.10
N GLY A 151 -10.82 12.05 -31.05
CA GLY A 151 -9.96 11.80 -29.91
C GLY A 151 -10.56 10.82 -28.91
N GLU A 152 -11.68 10.19 -29.25
CA GLU A 152 -12.30 9.23 -28.34
C GLU A 152 -13.24 8.29 -29.07
N CYS A 153 -13.55 7.17 -28.43
CA CYS A 153 -14.46 6.19 -29.01
C CYS A 153 -15.00 5.27 -27.95
N ASP A 154 -16.23 4.79 -28.15
CA ASP A 154 -16.91 3.93 -27.18
C ASP A 154 -17.36 2.61 -27.78
N GLN A 155 -16.69 2.21 -28.87
CA GLN A 155 -17.00 0.99 -29.62
C GLN A 155 -15.90 -0.07 -29.52
N SER A 156 -16.25 -1.29 -29.91
CA SER A 156 -15.27 -2.37 -29.95
C SER A 156 -14.49 -2.31 -31.24
N TYR A 157 -14.98 -1.54 -32.22
CA TYR A 157 -14.32 -1.31 -33.51
C TYR A 157 -14.14 0.17 -33.73
N CYS A 158 -13.03 0.72 -33.26
CA CYS A 158 -12.89 2.15 -33.31
C CYS A 158 -12.27 2.64 -34.60
N ASP A 159 -12.92 3.65 -35.18
CA ASP A 159 -12.43 4.29 -36.39
C ASP A 159 -11.33 5.27 -36.03
N THR A 160 -10.38 5.42 -36.95
CA THR A 160 -9.29 6.35 -36.77
C THR A 160 -9.37 7.42 -37.84
N ILE A 161 -8.47 8.41 -37.80
CA ILE A 161 -8.45 9.47 -38.81
C ILE A 161 -8.01 8.94 -40.18
N HIS A 162 -7.08 7.99 -40.21
CA HIS A 162 -6.57 7.40 -41.45
C HIS A 162 -7.60 6.50 -42.13
N ASN A 163 -7.84 6.76 -43.42
CA ASN A 163 -8.94 6.13 -44.15
C ASN A 163 -8.84 4.61 -44.07
N SER A 164 -7.64 4.08 -43.84
CA SER A 164 -7.40 2.64 -43.92
C SER A 164 -7.12 1.90 -42.61
N SER A 165 -7.19 2.56 -41.47
CA SER A 165 -6.90 1.85 -40.23
C SER A 165 -7.99 1.99 -39.18
N VAL A 166 -8.29 0.87 -38.53
CA VAL A 166 -9.18 0.87 -37.39
C VAL A 166 -8.47 0.17 -36.23
N TRP A 167 -8.92 0.49 -35.01
CA TRP A 167 -8.33 0.01 -33.75
C TRP A 167 -9.22 -0.97 -33.02
N ILE A 168 -8.64 -2.08 -32.55
CA ILE A 168 -9.37 -3.09 -31.80
C ILE A 168 -8.80 -3.22 -30.37
N PRO A 169 -9.68 -3.23 -29.35
CA PRO A 169 -9.18 -3.36 -27.97
C PRO A 169 -8.74 -4.78 -27.69
N ALA A 170 -7.77 -4.93 -26.80
CA ALA A 170 -7.17 -6.21 -26.49
C ALA A 170 -8.24 -7.27 -26.27
N ASP A 171 -9.32 -6.90 -25.59
CA ASP A 171 -10.41 -7.82 -25.34
C ASP A 171 -11.76 -7.30 -25.89
N GLN A 172 -12.25 -7.98 -26.93
CA GLN A 172 -13.48 -7.57 -27.62
C GLN A 172 -14.74 -7.92 -26.84
N THR A 173 -14.58 -8.75 -25.83
CA THR A 173 -15.75 -9.24 -25.09
C THR A 173 -16.42 -8.24 -24.12
N LYS A 174 -15.67 -7.72 -23.15
CA LYS A 174 -16.26 -6.96 -22.04
C LYS A 174 -16.82 -5.61 -22.45
N LYS A 175 -18.13 -5.47 -22.26
CA LYS A 175 -18.87 -4.28 -22.67
C LYS A 175 -18.95 -3.11 -21.67
N ASN A 176 -17.79 -2.58 -21.33
CA ASN A 176 -17.70 -1.35 -20.55
C ASN A 176 -16.27 -0.91 -20.66
N ILE A 177 -16.08 0.35 -20.98
CA ILE A 177 -14.75 0.84 -21.22
C ILE A 177 -14.16 1.37 -19.92
N CYS A 178 -13.35 0.53 -19.26
CA CYS A 178 -12.85 0.86 -17.93
C CYS A 178 -11.33 0.66 -17.71
N GLY A 179 -10.71 1.66 -17.10
CA GLY A 179 -9.31 1.64 -16.73
C GLY A 179 -8.91 0.87 -15.47
N GLN A 180 -9.62 1.08 -14.34
CA GLN A 180 -9.25 0.43 -13.07
C GLN A 180 -9.92 -0.92 -12.90
N SER A 181 -9.24 -1.84 -12.22
CA SER A 181 -9.83 -3.13 -11.86
C SER A 181 -10.33 -3.05 -10.41
N PHE A 182 -11.33 -3.85 -10.07
CA PHE A 182 -12.03 -3.64 -8.81
C PHE A 182 -11.92 -4.80 -7.85
N THR A 183 -12.32 -4.56 -6.61
CA THR A 183 -12.37 -5.56 -5.57
C THR A 183 -13.76 -5.45 -4.94
N PRO A 184 -14.28 -6.56 -4.43
CA PRO A 184 -15.58 -6.59 -3.74
C PRO A 184 -15.49 -5.98 -2.36
N LEU A 185 -16.61 -5.50 -1.82
CA LEU A 185 -16.59 -4.78 -0.56
C LEU A 185 -17.93 -4.81 0.10
N THR A 186 -17.98 -4.91 1.43
CA THR A 186 -19.27 -4.88 2.13
C THR A 186 -19.40 -3.55 2.86
N VAL A 187 -20.30 -2.73 2.32
CA VAL A 187 -20.54 -1.38 2.79
C VAL A 187 -21.73 -1.47 3.73
N THR A 188 -21.56 -0.95 4.95
CA THR A 188 -22.61 -0.93 5.98
C THR A 188 -23.40 0.40 5.98
N VAL A 189 -24.69 0.34 6.22
CA VAL A 189 -25.43 1.57 6.30
C VAL A 189 -26.03 1.70 7.70
N ALA A 190 -25.69 2.78 8.40
CA ALA A 190 -26.26 3.05 9.72
C ALA A 190 -27.21 4.23 9.60
N TYR A 191 -28.42 4.09 10.14
CA TYR A 191 -29.48 5.12 10.05
C TYR A 191 -30.37 5.10 11.31
N ASP A 192 -31.23 6.10 11.49
CA ASP A 192 -32.15 6.08 12.64
C ASP A 192 -33.38 5.19 12.33
N LYS A 193 -33.60 4.16 13.15
CA LYS A 193 -34.70 3.23 12.89
C LYS A 193 -36.02 3.91 12.90
N THR A 194 -36.11 4.98 13.69
CA THR A 194 -37.34 5.71 13.92
C THR A 194 -37.72 6.62 12.74
N LYS A 195 -36.79 7.49 12.31
CA LYS A 195 -37.13 8.45 11.27
C LYS A 195 -37.13 7.79 9.90
N GLU A 196 -37.76 8.48 8.96
CA GLU A 196 -37.71 8.12 7.56
C GLU A 196 -36.26 8.02 7.09
N ILE A 197 -35.97 7.03 6.25
CA ILE A 197 -34.65 6.96 5.66
C ILE A 197 -34.45 8.23 4.83
N ALA A 198 -33.28 8.85 4.93
CA ALA A 198 -33.03 10.06 4.18
C ALA A 198 -31.53 10.18 4.04
N ALA A 199 -31.09 10.85 2.99
CA ALA A 199 -29.68 10.89 2.69
C ALA A 199 -28.91 11.50 3.84
N GLY A 200 -29.57 12.35 4.61
CA GLY A 200 -28.87 13.05 5.66
C GLY A 200 -28.51 12.20 6.86
N GLY A 201 -29.52 11.47 7.34
CA GLY A 201 -29.43 10.65 8.53
C GLY A 201 -28.63 9.37 8.40
N ILE A 202 -27.95 9.19 7.27
CA ILE A 202 -27.21 7.97 7.01
C ILE A 202 -25.70 8.17 7.13
N VAL A 203 -25.07 7.24 7.84
CA VAL A 203 -23.62 7.16 7.94
C VAL A 203 -23.19 5.85 7.34
N PHE A 204 -22.23 5.92 6.42
CA PHE A 204 -21.70 4.76 5.72
C PHE A 204 -20.46 4.18 6.40
N LYS A 205 -20.45 2.86 6.56
CA LYS A 205 -19.36 2.13 7.18
C LYS A 205 -18.92 0.99 6.27
N SER A 206 -17.65 0.60 6.40
CA SER A 206 -17.14 -0.66 5.87
C SER A 206 -15.87 -0.96 6.64
N LYS A 207 -15.07 -1.94 6.20
CA LYS A 207 -13.82 -2.22 6.91
C LYS A 207 -12.70 -1.20 6.60
N TYR A 208 -12.94 -0.36 5.59
CA TYR A 208 -12.04 0.72 5.15
C TYR A 208 -12.59 2.09 5.43
N HIS A 209 -13.80 2.16 5.97
CA HIS A 209 -14.41 3.47 6.23
C HIS A 209 -15.03 3.61 7.60
N SER A 210 -14.47 4.47 8.43
CA SER A 210 -15.11 4.77 9.69
C SER A 210 -15.94 6.00 9.45
N HIS A 211 -17.23 5.97 9.80
CA HIS A 211 -18.10 7.16 9.74
C HIS A 211 -17.95 8.09 8.50
N MET A 212 -18.39 7.62 7.34
CA MET A 212 -18.43 8.43 6.12
C MET A 212 -19.86 8.98 5.98
N GLU A 213 -19.98 10.32 5.90
CA GLU A 213 -21.28 11.03 5.99
C GLU A 213 -22.26 10.89 4.81
N GLY A 214 -23.50 10.50 5.09
CA GLY A 214 -24.47 10.37 4.01
C GLY A 214 -24.97 11.72 3.53
N ALA A 215 -24.81 12.72 4.38
CA ALA A 215 -25.21 14.06 4.07
C ALA A 215 -24.32 14.62 2.97
N ARG A 216 -23.04 14.24 2.98
CA ARG A 216 -22.07 14.66 1.97
C ARG A 216 -21.68 13.61 0.94
N THR A 217 -22.41 12.49 0.85
CA THR A 217 -22.22 11.52 -0.25
C THR A 217 -23.09 11.83 -1.48
N CYS A 218 -22.54 11.66 -2.68
CA CYS A 218 -23.30 11.97 -3.89
C CYS A 218 -23.29 10.87 -4.94
N ARG A 219 -24.38 10.74 -5.68
CA ARG A 219 -24.44 9.74 -6.73
C ARG A 219 -23.45 10.07 -7.85
N LEU A 220 -22.66 9.08 -8.23
CA LEU A 220 -21.72 9.24 -9.33
C LEU A 220 -21.67 7.99 -10.19
N SER A 221 -21.74 8.17 -11.50
CA SER A 221 -21.59 7.07 -12.43
C SER A 221 -20.13 6.92 -12.75
N TYR A 222 -19.59 5.70 -12.59
CA TYR A 222 -18.14 5.45 -12.69
C TYR A 222 -17.85 4.08 -13.30
N CYS A 223 -17.06 4.05 -14.38
CA CYS A 223 -16.70 2.81 -15.08
C CYS A 223 -17.90 2.00 -15.51
N GLY A 224 -18.97 2.69 -15.90
CA GLY A 224 -20.19 2.09 -16.38
C GLY A 224 -21.15 1.49 -15.36
N ARG A 225 -21.00 1.86 -14.10
CA ARG A 225 -22.05 1.50 -13.13
C ARG A 225 -22.31 2.64 -12.12
N ASN A 226 -23.60 2.88 -11.83
CA ASN A 226 -23.93 3.82 -10.77
C ASN A 226 -23.29 3.44 -9.44
N GLY A 227 -23.03 4.45 -8.63
CA GLY A 227 -22.38 4.26 -7.37
C GLY A 227 -22.32 5.59 -6.65
N ILE A 228 -21.74 5.62 -5.48
CA ILE A 228 -21.80 6.83 -4.72
C ILE A 228 -20.43 7.24 -4.24
N LYS A 229 -20.15 8.51 -4.38
CA LYS A 229 -18.85 9.01 -3.97
C LYS A 229 -18.88 9.60 -2.56
N PHE A 230 -18.07 9.02 -1.69
CA PHE A 230 -17.94 9.45 -0.30
C PHE A 230 -17.36 10.86 -0.18
N PRO A 231 -17.50 11.49 0.98
CA PRO A 231 -16.90 12.81 1.22
C PRO A 231 -15.41 12.94 0.85
N ASN A 232 -14.60 11.88 0.93
CA ASN A 232 -13.18 12.02 0.65
C ASN A 232 -12.82 11.55 -0.78
N GLY A 233 -13.81 11.23 -1.59
CA GLY A 233 -13.46 10.88 -2.94
C GLY A 233 -13.47 9.41 -3.26
N GLU A 234 -13.49 8.55 -2.25
CA GLU A 234 -13.61 7.12 -2.52
C GLU A 234 -15.03 6.77 -3.03
N TRP A 235 -15.19 5.65 -3.71
CA TRP A 235 -16.44 5.35 -4.42
C TRP A 235 -16.84 3.88 -4.29
N VAL A 236 -18.12 3.59 -4.13
CA VAL A 236 -18.55 2.18 -4.14
C VAL A 236 -19.66 1.87 -5.17
N SER A 237 -19.66 0.66 -5.68
CA SER A 237 -20.60 0.34 -6.71
C SER A 237 -21.93 0.17 -6.08
N LEU A 238 -22.94 0.78 -6.68
CA LEU A 238 -24.25 0.70 -6.09
C LEU A 238 -25.36 0.87 -7.11
N ASP A 239 -26.26 -0.10 -7.18
CA ASP A 239 -27.33 -0.01 -8.14
C ASP A 239 -28.64 0.34 -7.47
N VAL A 240 -29.66 0.53 -8.29
CA VAL A 240 -30.95 1.03 -7.83
C VAL A 240 -31.78 -0.07 -7.15
N LYS A 241 -31.32 -1.31 -7.29
CA LYS A 241 -31.97 -2.47 -6.68
C LYS A 241 -31.78 -2.56 -5.16
N THR A 242 -30.58 -2.24 -4.68
CA THR A 242 -30.24 -2.38 -3.28
C THR A 242 -31.11 -1.47 -2.50
N ARG A 243 -31.89 -2.06 -1.61
CA ARG A 243 -32.85 -1.33 -0.81
C ARG A 243 -32.39 -1.25 0.64
N ILE A 244 -32.60 -0.08 1.23
CA ILE A 244 -32.38 0.17 2.65
C ILE A 244 -33.69 0.67 3.30
N GLN A 245 -34.09 0.04 4.41
CA GLN A 245 -35.39 0.30 5.04
C GLN A 245 -36.50 -0.01 4.03
N GLU A 246 -36.27 -1.10 3.31
CA GLU A 246 -37.15 -1.60 2.26
C GLU A 246 -37.53 -0.52 1.24
N LYS A 247 -36.66 0.48 1.10
CA LYS A 247 -36.75 1.52 0.09
C LYS A 247 -35.48 1.49 -0.76
N HIS A 248 -35.62 1.75 -2.05
CA HIS A 248 -34.46 1.90 -2.93
C HIS A 248 -33.42 2.86 -2.35
N LEU A 249 -32.16 2.45 -2.25
CA LEU A 249 -31.15 3.28 -1.59
C LEU A 249 -30.53 4.28 -2.52
N LEU A 250 -30.18 3.83 -3.73
CA LEU A 250 -29.49 4.70 -4.66
C LEU A 250 -30.08 6.13 -4.87
N PRO A 251 -31.42 6.26 -5.10
CA PRO A 251 -31.93 7.59 -5.50
C PRO A 251 -31.78 8.70 -4.48
N LEU A 252 -31.59 8.33 -3.20
CA LEU A 252 -31.61 9.27 -2.08
C LEU A 252 -30.60 10.39 -2.16
N PHE A 253 -29.58 10.20 -3.00
CA PHE A 253 -28.43 11.10 -3.06
C PHE A 253 -28.37 11.95 -4.33
N LYS A 254 -28.03 13.24 -4.16
CA LYS A 254 -27.91 14.17 -5.28
C LYS A 254 -26.84 13.69 -6.20
N GLU A 255 -26.84 14.19 -7.41
CA GLU A 255 -25.79 13.75 -8.32
C GLU A 255 -24.58 14.63 -8.11
N CYS A 256 -23.42 14.04 -8.38
CA CYS A 256 -22.16 14.70 -8.17
C CYS A 256 -21.99 15.74 -9.28
N PRO A 257 -21.35 16.88 -8.97
CA PRO A 257 -21.03 17.98 -9.90
C PRO A 257 -20.17 17.53 -11.09
N ALA A 258 -20.15 18.25 -12.22
CA ALA A 258 -19.27 17.85 -13.32
C ALA A 258 -17.83 18.01 -12.89
N GLY A 259 -16.93 17.20 -13.44
CA GLY A 259 -15.53 17.26 -13.05
C GLY A 259 -15.30 16.86 -11.59
N THR A 260 -16.22 16.06 -11.08
CA THR A 260 -16.02 15.40 -9.82
C THR A 260 -15.21 14.16 -10.12
N GLU A 261 -14.13 14.01 -9.38
CA GLU A 261 -13.26 12.86 -9.59
C GLU A 261 -13.22 11.96 -8.35
N VAL A 262 -12.88 10.70 -8.65
CA VAL A 262 -12.94 9.58 -7.74
C VAL A 262 -11.54 9.07 -7.46
N ARG A 263 -11.28 8.64 -6.21
CA ARG A 263 -10.03 7.99 -5.75
C ARG A 263 -10.13 6.47 -5.61
N SER A 264 -9.03 5.75 -5.81
CA SER A 264 -9.06 4.31 -5.55
C SER A 264 -9.00 4.00 -4.02
N THR A 265 -9.45 2.82 -3.59
CA THR A 265 -9.30 2.49 -2.15
C THR A 265 -8.35 1.28 -1.94
N LEU A 266 -7.22 1.61 -1.35
CA LEU A 266 -6.21 0.69 -0.93
C LEU A 266 -6.43 0.01 0.45
N GLN A 267 -5.63 -1.00 0.74
CA GLN A 267 -5.71 -1.67 2.02
C GLN A 267 -5.18 -0.76 3.09
N SER A 268 -4.42 0.23 2.65
CA SER A 268 -3.85 1.23 3.52
C SER A 268 -4.87 2.09 4.24
N ASP A 269 -6.13 2.02 3.81
CA ASP A 269 -7.24 2.78 4.41
C ASP A 269 -7.61 2.27 5.79
N GLY A 270 -7.53 0.98 5.98
CA GLY A 270 -7.91 0.36 7.24
C GLY A 270 -7.09 0.88 8.39
N ALA A 271 -5.93 1.39 8.06
CA ALA A 271 -5.04 1.91 9.07
C ALA A 271 -5.63 3.05 9.82
N GLN A 272 -6.56 3.81 9.18
CA GLN A 272 -7.24 4.98 9.79
C GLN A 272 -8.30 4.45 10.71
N VAL A 273 -9.09 3.53 10.19
CA VAL A 273 -10.24 2.99 10.92
C VAL A 273 -9.85 2.47 12.28
N LEU A 274 -8.65 1.93 12.37
CA LEU A 274 -8.13 1.33 13.58
C LEU A 274 -7.77 2.44 14.53
N THR A 275 -7.02 3.43 14.07
CA THR A 275 -6.58 4.46 15.01
C THR A 275 -7.70 5.39 15.39
N SER A 276 -8.78 5.41 14.63
CA SER A 276 -9.90 6.23 15.08
C SER A 276 -10.55 5.46 16.22
N GLU A 277 -10.72 4.15 16.03
CA GLU A 277 -11.37 3.27 17.00
C GLU A 277 -10.61 3.28 18.32
N ILE A 278 -9.31 3.42 18.25
CA ILE A 278 -8.54 3.52 19.47
C ILE A 278 -8.66 4.91 20.05
N GLN A 279 -8.68 5.95 19.22
CA GLN A 279 -8.68 7.26 19.82
C GLN A 279 -9.94 7.44 20.59
N ARG A 280 -11.04 6.87 20.10
CA ARG A 280 -12.31 6.91 20.82
C ARG A 280 -12.17 6.13 22.14
N ILE A 281 -11.36 5.08 22.12
CA ILE A 281 -11.27 4.22 23.30
C ILE A 281 -10.37 4.84 24.33
N LEU A 282 -9.28 5.40 23.89
CA LEU A 282 -8.36 6.03 24.78
C LEU A 282 -9.07 7.20 25.43
N ASP A 283 -9.80 7.95 24.60
CA ASP A 283 -10.50 9.13 25.05
C ASP A 283 -11.51 8.84 26.12
N TYR A 284 -12.30 7.80 25.91
CA TYR A 284 -13.39 7.46 26.82
C TYR A 284 -12.96 7.10 28.22
N SER A 285 -12.02 6.17 28.31
CA SER A 285 -11.52 5.73 29.60
C SER A 285 -10.75 6.89 30.24
N LEU A 286 -10.33 7.84 29.42
CA LEU A 286 -9.66 9.02 29.97
C LEU A 286 -10.59 10.03 30.61
N CYS A 287 -11.80 10.24 30.10
CA CYS A 287 -12.71 11.14 30.81
C CYS A 287 -13.25 10.45 32.05
N GLN A 288 -13.47 9.14 32.03
CA GLN A 288 -13.90 8.43 33.24
C GLN A 288 -12.89 8.63 34.32
N ASN A 289 -11.64 8.54 33.91
CA ASN A 289 -10.52 8.73 34.77
C ASN A 289 -10.55 10.11 35.38
N THR A 290 -11.26 11.01 34.73
CA THR A 290 -11.46 12.36 35.25
C THR A 290 -12.68 12.43 36.12
N TRP A 291 -13.72 11.67 35.80
CA TRP A 291 -14.88 11.61 36.71
C TRP A 291 -14.53 10.89 38.02
N ASP A 292 -13.72 9.84 37.95
CA ASP A 292 -13.32 9.15 39.16
C ASP A 292 -12.64 10.14 40.04
N LYS A 293 -11.89 11.02 39.41
CA LYS A 293 -11.15 12.07 40.10
C LYS A 293 -12.08 13.10 40.73
N VAL A 294 -13.18 13.44 40.04
CA VAL A 294 -14.17 14.37 40.59
C VAL A 294 -14.81 13.81 41.85
N GLU A 295 -15.23 12.56 41.69
CA GLU A 295 -15.96 11.75 42.64
C GLU A 295 -15.25 11.69 43.96
N ARG A 296 -13.93 11.64 43.85
CA ARG A 296 -13.03 11.59 44.98
C ARG A 296 -12.85 12.99 45.55
N LYS A 297 -13.59 13.96 45.00
CA LYS A 297 -13.51 15.34 45.47
C LYS A 297 -12.14 15.92 45.21
N GLU A 298 -11.43 15.42 44.22
CA GLU A 298 -10.12 15.99 43.88
C GLU A 298 -10.31 17.07 42.88
N PRO A 299 -9.72 18.22 43.15
CA PRO A 299 -9.87 19.39 42.29
C PRO A 299 -9.44 19.09 40.85
N LEU A 300 -10.11 19.74 39.89
CA LEU A 300 -9.90 19.46 38.47
C LEU A 300 -8.84 20.35 37.81
N SER A 301 -7.96 19.75 37.05
CA SER A 301 -6.93 20.55 36.43
C SER A 301 -7.41 20.89 35.07
N PRO A 302 -6.83 21.93 34.45
CA PRO A 302 -7.17 22.32 33.09
C PRO A 302 -6.92 21.15 32.18
N LEU A 303 -6.01 20.28 32.56
CA LEU A 303 -5.85 19.07 31.78
C LEU A 303 -7.08 18.19 31.97
N ASP A 304 -7.51 18.03 33.23
CA ASP A 304 -8.65 17.19 33.55
C ASP A 304 -9.92 17.58 32.84
N LEU A 305 -10.13 18.89 32.65
CA LEU A 305 -11.33 19.43 31.98
C LEU A 305 -11.37 19.08 30.50
N SER A 306 -10.20 19.08 29.87
CA SER A 306 -10.09 18.78 28.46
C SER A 306 -10.39 17.32 28.15
N TYR A 307 -10.29 16.45 29.16
CA TYR A 307 -10.63 15.03 29.00
C TYR A 307 -12.12 14.76 28.77
N LEU A 308 -12.93 15.66 29.33
CA LEU A 308 -14.40 15.52 29.48
C LEU A 308 -15.22 15.95 28.26
N ALA A 309 -14.63 16.82 27.44
CA ALA A 309 -15.34 17.48 26.35
C ALA A 309 -15.37 16.62 25.15
N SER A 310 -16.27 16.93 24.23
CA SER A 310 -16.22 16.32 22.91
C SER A 310 -14.99 16.88 22.23
N LYS A 311 -14.39 16.15 21.29
CA LYS A 311 -13.20 16.72 20.67
C LYS A 311 -13.30 16.67 19.14
N SER A 312 -14.52 16.40 18.66
CA SER A 312 -14.82 16.34 17.23
C SER A 312 -16.05 17.23 16.90
N PRO A 313 -16.06 17.83 15.68
CA PRO A 313 -17.07 18.75 15.14
C PRO A 313 -18.47 18.20 15.15
N GLY A 314 -19.39 19.00 15.70
CA GLY A 314 -20.78 18.61 15.89
C GLY A 314 -21.24 19.05 17.26
N LYS A 315 -22.54 18.95 17.49
CA LYS A 315 -23.16 19.42 18.72
C LYS A 315 -22.60 18.60 19.87
N GLY A 316 -22.01 19.24 20.89
CA GLY A 316 -21.45 18.54 22.04
C GLY A 316 -21.52 19.32 23.34
N LEU A 317 -20.71 18.95 24.35
CA LEU A 317 -20.71 19.67 25.64
C LEU A 317 -19.34 20.23 25.99
N ALA A 318 -19.29 21.34 26.74
CA ALA A 318 -18.04 21.93 27.23
C ALA A 318 -18.08 22.03 28.72
N TYR A 319 -16.95 22.01 29.42
CA TYR A 319 -17.01 22.09 30.89
C TYR A 319 -16.09 23.18 31.44
N THR A 320 -16.36 23.65 32.65
CA THR A 320 -15.46 24.59 33.28
C THR A 320 -15.56 24.59 34.79
N VAL A 321 -14.91 25.53 35.43
CA VAL A 321 -14.88 25.56 36.87
C VAL A 321 -15.03 26.98 37.31
N ILE A 322 -16.25 27.24 37.75
CA ILE A 322 -16.68 28.53 38.22
C ILE A 322 -16.79 28.49 39.72
N ASN A 323 -15.85 29.10 40.44
CA ASN A 323 -15.87 29.06 41.90
C ASN A 323 -16.00 27.65 42.40
N GLY A 324 -15.10 26.80 41.93
CA GLY A 324 -15.04 25.44 42.39
C GLY A 324 -16.19 24.58 41.92
N THR A 325 -17.11 25.23 41.25
CA THR A 325 -18.28 24.52 40.79
C THR A 325 -18.09 24.16 39.33
N LEU A 326 -18.02 22.87 39.12
CA LEU A 326 -17.94 22.31 37.82
C LEU A 326 -19.19 22.69 37.08
N SER A 327 -19.05 23.39 35.97
CA SER A 327 -20.18 23.88 35.23
C SER A 327 -20.03 23.31 33.86
N PHE A 328 -21.13 23.06 33.19
CA PHE A 328 -21.06 22.62 31.80
C PHE A 328 -21.89 23.48 30.84
N ALA A 329 -21.75 23.23 29.55
CA ALA A 329 -22.61 23.90 28.60
C ALA A 329 -22.88 23.08 27.33
N HIS A 330 -24.05 23.28 26.76
CA HIS A 330 -24.32 22.73 25.45
C HIS A 330 -23.73 23.73 24.51
N THR A 331 -23.19 23.23 23.39
CA THR A 331 -22.63 24.07 22.33
C THR A 331 -22.27 23.24 21.10
N ARG A 332 -22.13 23.86 19.95
CA ARG A 332 -21.74 23.13 18.73
C ARG A 332 -20.25 23.25 18.42
N TYR A 333 -19.62 22.10 18.23
CA TYR A 333 -18.20 22.08 17.93
C TYR A 333 -17.92 22.21 16.44
N VAL A 334 -17.00 23.10 16.14
CA VAL A 334 -16.54 23.34 14.82
C VAL A 334 -15.05 23.25 14.85
N ARG A 335 -14.42 23.14 13.69
CA ARG A 335 -12.97 23.06 13.65
C ARG A 335 -12.35 24.42 13.47
N MET A 336 -11.41 24.74 14.34
CA MET A 336 -10.67 25.97 14.21
C MET A 336 -9.15 25.74 14.00
N TRP A 337 -8.44 26.75 13.51
CA TRP A 337 -7.00 26.67 13.38
C TRP A 337 -6.29 27.72 14.24
N ILE A 338 -5.70 27.34 15.38
CA ILE A 338 -4.89 28.28 16.19
C ILE A 338 -3.42 28.38 15.76
N ASP A 339 -2.77 29.54 15.97
CA ASP A 339 -1.40 29.73 15.47
C ASP A 339 -0.39 28.84 16.14
N GLY A 340 -0.67 28.49 17.38
CA GLY A 340 0.18 27.63 18.20
C GLY A 340 -0.59 27.25 19.44
N PRO A 341 0.06 26.54 20.34
CA PRO A 341 -0.44 26.09 21.63
C PRO A 341 -0.56 27.23 22.63
N VAL A 342 0.14 28.32 22.41
CA VAL A 342 -0.12 29.47 23.26
C VAL A 342 -0.20 30.77 22.44
N LEU A 343 -1.36 31.40 22.46
CA LEU A 343 -1.67 32.56 21.65
C LEU A 343 -1.44 33.78 22.48
N LYS A 344 -1.23 34.94 21.87
CA LYS A 344 -1.08 36.16 22.66
C LYS A 344 -2.42 36.77 22.84
N GLU A 345 -3.33 36.42 21.94
CA GLU A 345 -4.72 36.85 22.00
C GLU A 345 -5.58 35.66 21.65
N PRO A 346 -6.74 35.55 22.28
CA PRO A 346 -7.58 34.37 22.09
C PRO A 346 -8.26 34.33 20.75
N LYS A 347 -7.52 34.15 19.67
CA LYS A 347 -8.09 34.30 18.33
C LYS A 347 -7.73 33.13 17.46
N GLY A 348 -8.66 32.67 16.65
CA GLY A 348 -8.38 31.58 15.76
C GLY A 348 -9.02 31.81 14.41
N LYS A 349 -8.48 31.15 13.40
CA LYS A 349 -8.99 31.32 12.07
C LYS A 349 -10.09 30.28 11.90
N ARG A 350 -11.34 30.74 11.89
CA ARG A 350 -12.48 29.85 11.99
C ARG A 350 -12.84 29.06 10.72
N GLU A 351 -12.50 29.55 9.54
CA GLU A 351 -12.93 28.85 8.33
C GLU A 351 -11.85 28.28 7.41
N SER A 352 -10.61 28.69 7.59
CA SER A 352 -9.50 28.18 6.78
C SER A 352 -8.24 28.63 7.47
N PRO A 353 -7.14 27.88 7.29
CA PRO A 353 -5.91 28.24 8.03
C PRO A 353 -5.29 29.54 7.56
N SER A 354 -5.77 30.07 6.44
CA SER A 354 -5.43 31.43 5.97
C SER A 354 -6.62 32.40 6.10
N GLY A 355 -7.71 31.94 6.69
CA GLY A 355 -8.87 32.77 6.96
C GLY A 355 -8.54 33.91 7.92
N ILE A 356 -9.56 34.57 8.45
CA ILE A 356 -9.30 35.69 9.35
C ILE A 356 -9.34 35.29 10.81
N SER A 357 -8.51 35.96 11.59
CA SER A 357 -8.52 35.86 13.05
C SER A 357 -9.71 36.58 13.73
N SER A 358 -10.67 35.76 14.12
CA SER A 358 -11.80 36.17 14.90
C SER A 358 -11.54 35.71 16.34
N ASP A 359 -12.15 36.33 17.36
CA ASP A 359 -12.08 35.81 18.76
C ASP A 359 -12.77 34.46 18.92
N ILE A 360 -12.07 33.51 19.53
CA ILE A 360 -12.66 32.20 19.74
C ILE A 360 -13.34 32.12 21.11
N TRP A 361 -12.76 32.78 22.09
CA TRP A 361 -13.36 32.79 23.42
C TRP A 361 -13.13 34.12 24.11
N THR A 362 -14.15 34.60 24.83
CA THR A 362 -14.06 35.88 25.48
C THR A 362 -14.61 35.86 26.94
N GLN A 363 -15.29 34.77 27.28
CA GLN A 363 -15.89 34.61 28.59
C GLN A 363 -14.96 33.96 29.61
N TRP A 364 -14.26 34.77 30.39
CA TRP A 364 -13.25 34.26 31.32
C TRP A 364 -13.61 34.22 32.82
N PHE A 365 -13.47 33.04 33.43
CA PHE A 365 -13.70 32.78 34.86
C PHE A 365 -12.46 32.78 35.77
N LYS A 366 -12.67 32.87 37.06
CA LYS A 366 -11.54 32.83 37.94
C LYS A 366 -11.09 31.37 38.26
N TYR A 367 -9.77 31.22 38.38
CA TYR A 367 -9.13 29.92 38.61
C TYR A 367 -7.87 30.18 39.45
N GLY A 368 -8.00 30.21 40.76
CA GLY A 368 -6.85 30.47 41.60
C GLY A 368 -6.29 31.86 41.40
N ASP A 369 -5.13 31.95 40.76
CA ASP A 369 -4.56 33.27 40.46
C ASP A 369 -4.62 33.62 38.98
N MET A 370 -4.88 32.64 38.13
CA MET A 370 -5.04 32.86 36.68
C MET A 370 -6.50 32.69 36.33
N GLU A 371 -6.84 32.82 35.05
CA GLU A 371 -8.22 32.67 34.62
C GLU A 371 -8.44 31.43 33.76
N ILE A 372 -9.67 30.96 33.59
CA ILE A 372 -9.92 29.74 32.81
C ILE A 372 -11.24 29.73 31.99
N GLY A 373 -11.17 29.36 30.71
CA GLY A 373 -12.31 29.30 29.82
C GLY A 373 -12.90 27.89 29.74
N PRO A 374 -13.27 27.44 28.52
CA PRO A 374 -13.88 26.12 28.29
C PRO A 374 -12.88 25.00 28.03
N ASN A 375 -13.11 23.83 28.64
CA ASN A 375 -12.26 22.68 28.41
C ASN A 375 -10.80 22.93 28.75
N GLY A 376 -10.51 23.61 29.84
CA GLY A 376 -9.14 23.69 30.28
C GLY A 376 -8.25 24.66 29.54
N LEU A 377 -8.90 25.57 28.80
CA LEU A 377 -8.21 26.70 28.17
C LEU A 377 -7.90 27.77 29.20
N LEU A 378 -6.68 28.26 29.22
CA LEU A 378 -6.23 29.20 30.26
C LEU A 378 -6.06 30.60 29.74
N LYS A 379 -6.26 31.60 30.58
CA LYS A 379 -5.84 32.95 30.31
C LYS A 379 -4.77 33.30 31.34
N THR A 380 -3.49 33.23 31.00
CA THR A 380 -2.39 33.45 31.96
C THR A 380 -1.53 34.65 31.54
N ALA A 381 -0.66 35.14 32.41
CA ALA A 381 0.17 36.30 32.04
C ALA A 381 1.13 35.91 30.96
N GLY A 382 1.27 34.59 30.78
CA GLY A 382 2.17 34.02 29.78
C GLY A 382 1.52 33.87 28.43
N GLY A 383 0.25 34.24 28.31
CA GLY A 383 -0.48 34.19 27.06
C GLY A 383 -1.68 33.30 27.25
N TYR A 384 -2.39 32.98 26.18
CA TYR A 384 -3.55 32.12 26.31
C TYR A 384 -3.15 30.73 25.95
N LYS A 385 -3.04 29.85 26.96
CA LYS A 385 -2.53 28.50 26.78
C LYS A 385 -3.68 27.49 26.60
N PHE A 386 -3.58 26.56 25.65
CA PHE A 386 -4.54 25.46 25.50
C PHE A 386 -4.20 24.22 26.32
N PRO A 387 -5.12 23.25 26.41
CA PRO A 387 -4.70 21.99 27.01
C PRO A 387 -3.97 21.10 25.99
N TRP A 388 -3.14 20.18 26.46
CA TRP A 388 -2.30 19.48 25.52
C TRP A 388 -3.08 18.33 24.87
N HIS A 389 -4.06 17.79 25.58
CA HIS A 389 -4.85 16.68 25.05
C HIS A 389 -5.66 17.16 23.88
N LEU A 390 -6.11 18.41 23.95
CA LEU A 390 -6.89 19.01 22.85
C LEU A 390 -6.05 19.22 21.64
N ILE A 391 -4.87 19.78 21.86
CA ILE A 391 -3.94 20.01 20.78
C ILE A 391 -3.58 18.69 20.14
N GLY A 392 -3.29 17.73 20.99
CA GLY A 392 -2.91 16.41 20.57
C GLY A 392 -4.01 15.65 19.89
N MET A 393 -5.23 15.79 20.30
CA MET A 393 -6.18 14.98 19.61
C MET A 393 -6.52 15.73 18.34
N GLY A 394 -6.05 16.97 18.22
CA GLY A 394 -6.26 17.72 16.99
C GLY A 394 -5.22 17.41 15.90
N ILE A 395 -4.05 17.06 16.39
CA ILE A 395 -2.94 16.64 15.56
C ILE A 395 -3.22 15.28 14.95
N VAL A 396 -3.94 14.44 15.68
CA VAL A 396 -4.39 13.14 15.20
C VAL A 396 -5.50 13.31 14.19
N ASP A 397 -6.46 14.16 14.56
CA ASP A 397 -7.60 14.44 13.69
C ASP A 397 -7.12 14.99 12.35
N ASN A 398 -5.99 15.68 12.39
CA ASN A 398 -5.40 16.24 11.19
C ASN A 398 -4.85 15.13 10.32
N GLU A 399 -3.95 14.34 10.89
CA GLU A 399 -3.29 13.25 10.16
C GLU A 399 -4.29 12.28 9.65
N LEU A 400 -5.31 12.09 10.48
CA LEU A 400 -6.40 11.21 10.17
C LEU A 400 -7.19 11.71 8.95
N HIS A 401 -7.17 13.01 8.74
CA HIS A 401 -7.88 13.51 7.59
C HIS A 401 -7.06 13.36 6.32
N GLU A 402 -5.86 13.94 6.34
CA GLU A 402 -4.99 13.98 5.17
C GLU A 402 -4.69 12.59 4.62
N LEU A 403 -4.85 11.57 5.48
CA LEU A 403 -4.56 10.21 5.07
C LEU A 403 -5.75 9.69 4.32
N SER A 404 -6.92 10.30 4.57
CA SER A 404 -8.13 9.88 3.87
C SER A 404 -8.11 10.36 2.42
N GLU A 405 -7.63 11.57 2.22
CA GLU A 405 -7.46 12.11 0.86
C GLU A 405 -6.08 11.87 0.28
N ALA A 406 -5.45 10.80 0.70
CA ALA A 406 -4.11 10.51 0.27
C ALA A 406 -4.05 9.43 -0.82
N ASN A 407 -5.20 8.99 -1.31
CA ASN A 407 -5.22 7.94 -2.33
C ASN A 407 -5.05 8.51 -3.77
N PRO A 408 -4.72 7.65 -4.74
CA PRO A 408 -4.54 8.10 -6.11
C PRO A 408 -5.87 8.44 -6.80
N LEU A 409 -5.89 9.51 -7.60
CA LEU A 409 -7.15 9.93 -8.25
C LEU A 409 -7.22 9.46 -9.67
N ASP A 410 -8.42 9.16 -10.11
CA ASP A 410 -8.54 8.78 -11.50
C ASP A 410 -8.65 9.98 -12.41
N HIS A 411 -7.59 10.30 -13.12
CA HIS A 411 -7.65 11.40 -14.08
C HIS A 411 -7.93 10.86 -15.48
N PRO A 412 -8.99 11.35 -16.09
CA PRO A 412 -9.34 10.82 -17.41
C PRO A 412 -8.38 11.39 -18.43
N GLN A 413 -8.38 10.86 -19.64
CA GLN A 413 -7.57 11.45 -20.70
C GLN A 413 -8.39 12.41 -21.51
N LEU A 414 -7.76 13.53 -21.87
CA LEU A 414 -8.43 14.59 -22.58
C LEU A 414 -8.20 14.60 -24.08
N PRO A 415 -9.27 14.43 -24.87
CA PRO A 415 -9.11 14.43 -26.32
C PRO A 415 -8.84 15.83 -26.91
N TYR B 1 16.21 -10.40 22.58
CA TYR B 1 15.43 -10.09 21.39
C TYR B 1 14.48 -8.91 21.66
N LEU B 2 14.44 -8.47 22.92
CA LEU B 2 13.65 -7.29 23.26
C LEU B 2 14.49 -6.02 23.33
N SER B 3 13.92 -4.90 22.93
CA SER B 3 14.60 -3.61 23.01
C SER B 3 13.84 -2.61 23.88
N ILE B 4 14.59 -1.70 24.49
CA ILE B 4 14.02 -0.61 25.28
C ILE B 4 14.88 0.63 25.01
N ALA B 5 14.41 1.82 25.38
CA ALA B 5 15.29 2.99 25.36
C ALA B 5 15.76 3.22 26.77
N PHE B 6 17.06 3.35 26.94
CA PHE B 6 17.64 3.38 28.28
C PHE B 6 18.70 4.49 28.44
N PRO B 7 18.87 5.03 29.65
CA PRO B 7 19.92 6.05 29.77
C PRO B 7 21.31 5.53 29.29
N GLU B 8 22.13 6.37 28.65
CA GLU B 8 23.38 5.86 28.11
C GLU B 8 24.34 5.46 29.22
N ASN B 9 24.51 6.29 30.24
CA ASN B 9 25.42 5.92 31.32
C ASN B 9 24.83 4.87 32.25
N THR B 10 25.71 4.29 33.05
CA THR B 10 25.33 3.31 34.04
C THR B 10 25.16 4.02 35.39
N LYS B 11 25.40 5.33 35.41
CA LYS B 11 25.37 6.14 36.63
C LYS B 11 24.83 7.49 36.23
N LEU B 12 23.98 8.10 37.03
CA LEU B 12 23.55 9.45 36.71
C LEU B 12 23.68 10.35 37.94
N ASP B 13 23.73 11.64 37.69
CA ASP B 13 23.72 12.58 38.77
C ASP B 13 22.27 12.85 39.12
N TRP B 14 21.84 12.33 40.27
CA TRP B 14 20.46 12.50 40.67
C TRP B 14 20.29 13.74 41.48
N LYS B 15 19.15 14.38 41.25
CA LYS B 15 18.70 15.56 42.00
C LYS B 15 17.22 15.40 42.40
N PRO B 16 16.88 15.78 43.64
CA PRO B 16 15.51 15.69 44.14
C PRO B 16 14.52 16.49 43.30
N VAL B 17 13.27 16.05 43.19
CA VAL B 17 12.32 16.88 42.50
C VAL B 17 11.95 17.96 43.48
N THR B 18 12.15 19.18 43.04
CA THR B 18 12.03 20.33 43.90
C THR B 18 10.72 21.01 43.58
N LYS B 19 10.69 21.77 42.50
CA LYS B 19 9.51 22.55 42.14
C LYS B 19 8.47 21.67 41.48
N ASN B 20 7.20 21.92 41.82
CA ASN B 20 6.13 21.07 41.30
C ASN B 20 5.70 21.41 39.88
N THR B 21 6.53 21.07 38.90
CA THR B 21 6.06 21.21 37.53
C THR B 21 6.01 19.82 36.95
N ARG B 22 4.85 19.53 36.39
CA ARG B 22 4.51 18.20 35.92
C ARG B 22 5.18 18.09 34.57
N TYR B 23 6.49 17.90 34.60
CA TYR B 23 7.39 18.10 33.47
C TYR B 23 7.35 16.82 32.66
N CYS B 24 6.34 16.65 31.82
CA CYS B 24 6.16 15.41 31.05
C CYS B 24 6.62 15.46 29.59
N PRO B 25 7.22 14.36 29.09
CA PRO B 25 7.65 14.26 27.68
C PRO B 25 6.45 14.26 26.70
N MET B 26 6.41 15.27 25.85
CA MET B 26 5.28 15.50 24.98
C MET B 26 5.61 15.05 23.59
N GLY B 27 5.39 13.77 23.34
CA GLY B 27 5.91 13.10 22.16
C GLY B 27 5.95 13.92 20.89
N GLY B 28 7.06 13.81 20.17
CA GLY B 28 7.25 14.57 18.95
C GLY B 28 8.20 15.71 19.22
N GLU B 29 8.13 16.73 18.38
CA GLU B 29 9.08 17.84 18.48
C GLU B 29 8.61 19.01 19.36
N TRP B 30 7.62 18.78 20.22
CA TRP B 30 7.11 19.86 21.09
C TRP B 30 8.05 20.15 22.25
N PHE B 31 9.18 19.45 22.28
CA PHE B 31 10.16 19.61 23.35
C PHE B 31 10.73 21.02 23.36
N LEU B 32 11.17 21.46 22.18
CA LEU B 32 11.71 22.80 22.03
C LEU B 32 10.67 23.68 21.38
N GLU B 33 9.66 24.00 22.18
CA GLU B 33 8.64 24.96 21.81
C GLU B 33 8.81 26.37 22.44
N PRO B 34 10.02 26.73 22.93
CA PRO B 34 10.01 28.16 23.26
C PRO B 34 10.26 29.02 22.06
N GLY B 35 9.83 28.60 20.89
CA GLY B 35 10.04 29.38 19.68
C GLY B 35 10.11 28.58 18.40
N LEU B 36 9.48 27.40 18.40
CA LEU B 36 9.40 26.55 17.21
C LEU B 36 8.76 27.35 16.09
N GLN B 37 9.21 27.11 14.86
CA GLN B 37 8.60 27.76 13.71
C GLN B 37 8.48 26.74 12.59
N GLU B 38 7.36 26.73 11.90
CA GLU B 38 7.18 25.78 10.84
C GLU B 38 6.93 26.49 9.52
N GLU B 39 7.64 26.08 8.49
CA GLU B 39 7.38 26.55 7.16
C GLU B 39 7.21 25.31 6.33
N SER B 40 6.25 25.26 5.42
CA SER B 40 6.10 24.07 4.62
C SER B 40 6.44 24.37 3.21
N PHE B 41 6.95 23.39 2.50
CA PHE B 41 7.18 23.57 1.07
C PHE B 41 6.52 22.47 0.28
N LEU B 42 6.28 22.74 -0.99
CA LEU B 42 5.61 21.77 -1.82
C LEU B 42 6.64 20.86 -2.40
N SER B 43 6.32 19.58 -2.49
CA SER B 43 7.32 18.62 -2.94
C SER B 43 6.67 17.40 -3.59
N SER B 44 7.55 16.46 -3.92
CA SER B 44 7.29 15.31 -4.74
C SER B 44 8.06 14.13 -4.14
N THR B 45 7.43 12.95 -3.97
CA THR B 45 8.12 11.75 -3.43
C THR B 45 7.82 10.57 -4.42
N PRO B 46 8.70 9.55 -4.52
CA PRO B 46 8.55 8.41 -5.44
C PRO B 46 7.57 7.38 -5.02
N ILE B 47 6.82 6.82 -5.94
CA ILE B 47 5.82 5.84 -5.53
C ILE B 47 6.33 4.45 -5.65
N GLY B 48 7.09 4.21 -6.70
CA GLY B 48 7.59 2.88 -6.89
C GLY B 48 7.82 2.80 -8.35
N ALA B 49 8.60 1.83 -8.77
CA ALA B 49 8.98 1.71 -10.15
C ALA B 49 7.79 1.44 -11.06
N THR B 50 7.68 2.21 -12.13
CA THR B 50 6.70 1.90 -13.15
C THR B 50 7.46 1.45 -14.38
N PRO B 51 7.25 0.19 -14.80
CA PRO B 51 8.10 -0.32 -15.89
C PRO B 51 7.71 0.29 -17.23
N SER B 52 6.48 0.80 -17.33
CA SER B 52 5.98 1.42 -18.54
C SER B 52 6.92 2.51 -19.03
N LYS B 53 7.76 3.02 -18.14
CA LYS B 53 8.52 4.20 -18.46
C LYS B 53 9.80 3.90 -19.24
N SER B 54 10.25 2.65 -19.12
CA SER B 54 11.44 2.20 -19.83
C SER B 54 11.14 1.41 -21.11
N ASP B 55 9.90 1.50 -21.61
CA ASP B 55 9.58 0.92 -22.91
C ASP B 55 10.36 1.64 -23.97
N GLY B 56 10.65 0.95 -25.06
CA GLY B 56 11.44 1.55 -26.10
C GLY B 56 11.45 0.74 -27.38
N PHE B 57 12.23 1.20 -28.35
CA PHE B 57 12.23 0.57 -29.65
C PHE B 57 13.62 0.48 -30.22
N LEU B 58 13.89 -0.62 -30.92
CA LEU B 58 15.15 -0.75 -31.65
C LEU B 58 14.94 -0.44 -33.12
N CYS B 59 15.48 0.71 -33.52
CA CYS B 59 15.42 1.20 -34.88
C CYS B 59 16.55 0.57 -35.69
N HIS B 60 16.19 -0.11 -36.78
CA HIS B 60 17.17 -0.77 -37.62
C HIS B 60 17.07 -0.36 -39.09
N ALA B 61 18.12 0.28 -39.59
CA ALA B 61 18.15 0.78 -40.97
C ALA B 61 18.83 -0.21 -41.87
N ALA B 62 18.36 -0.31 -43.10
CA ALA B 62 18.98 -1.20 -44.08
C ALA B 62 18.66 -0.78 -45.51
N LYS B 63 19.63 -0.92 -46.42
CA LYS B 63 19.41 -0.69 -47.85
C LYS B 63 19.25 -2.02 -48.58
N TRP B 64 18.06 -2.22 -49.16
CA TRP B 64 17.75 -3.43 -49.93
C TRP B 64 17.94 -3.17 -51.40
N VAL B 65 19.05 -3.62 -51.96
CA VAL B 65 19.43 -3.27 -53.33
C VAL B 65 19.09 -4.39 -54.31
N THR B 66 18.55 -4.01 -55.46
CA THR B 66 18.34 -4.95 -56.56
C THR B 66 19.29 -4.59 -57.72
N THR B 67 20.32 -5.43 -57.93
CA THR B 67 21.32 -5.17 -58.96
C THR B 67 20.92 -5.77 -60.29
N CYS B 68 21.01 -4.96 -61.35
CA CYS B 68 20.75 -5.42 -62.71
C CYS B 68 22.04 -5.42 -63.51
N ASP B 69 22.64 -6.59 -63.64
CA ASP B 69 23.86 -6.73 -64.40
C ASP B 69 23.59 -7.14 -65.83
N PHE B 70 24.10 -6.37 -66.78
CA PHE B 70 23.87 -6.68 -68.17
C PHE B 70 25.11 -6.44 -69.02
N ARG B 71 25.73 -7.54 -69.44
CA ARG B 71 26.99 -7.51 -70.19
C ARG B 71 26.73 -7.73 -71.68
N TRP B 72 27.79 -8.03 -72.43
CA TRP B 72 27.78 -8.25 -73.89
C TRP B 72 26.47 -8.80 -74.45
N TYR B 73 26.00 -9.88 -73.85
CA TYR B 73 24.78 -10.54 -74.31
C TYR B 73 24.25 -11.34 -73.12
N GLY B 74 23.29 -12.22 -73.37
CA GLY B 74 22.80 -13.11 -72.34
C GLY B 74 21.59 -12.63 -71.57
N PRO B 75 21.05 -13.51 -70.70
CA PRO B 75 19.85 -13.23 -69.90
C PRO B 75 20.03 -12.03 -68.98
N LYS B 76 18.95 -11.63 -68.29
CA LYS B 76 18.98 -10.50 -67.38
C LYS B 76 19.51 -10.93 -65.99
N TYR B 77 20.79 -10.69 -65.72
CA TYR B 77 21.40 -11.13 -64.45
C TYR B 77 21.04 -10.20 -63.30
N ILE B 78 20.26 -10.74 -62.36
CA ILE B 78 19.78 -9.99 -61.22
C ILE B 78 20.19 -10.69 -59.92
N THR B 79 20.75 -9.91 -58.98
CA THR B 79 21.17 -10.45 -57.70
C THR B 79 20.53 -9.61 -56.61
N HIS B 80 20.34 -10.19 -55.43
CA HIS B 80 19.70 -9.47 -54.33
C HIS B 80 20.57 -9.46 -53.09
N SER B 81 20.86 -8.26 -52.60
CA SER B 81 21.64 -8.09 -51.38
C SER B 81 20.91 -7.12 -50.42
N ILE B 82 21.40 -7.05 -49.19
CA ILE B 82 20.89 -6.15 -48.17
C ILE B 82 22.05 -5.50 -47.41
N HIS B 83 22.17 -4.18 -47.50
CA HIS B 83 23.30 -3.47 -46.89
C HIS B 83 22.89 -2.74 -45.61
N ASN B 84 23.26 -3.32 -44.48
CA ASN B 84 22.94 -2.78 -43.14
C ASN B 84 23.66 -1.48 -42.77
N ILE B 85 22.90 -0.41 -42.57
CA ILE B 85 23.45 0.89 -42.18
C ILE B 85 22.86 1.42 -40.86
N LYS B 86 23.57 2.36 -40.25
CA LYS B 86 23.09 3.03 -39.05
C LYS B 86 22.09 4.09 -39.46
N PRO B 87 20.91 4.11 -38.82
CA PRO B 87 19.88 5.10 -39.17
C PRO B 87 20.19 6.47 -38.65
N THR B 88 19.67 7.50 -39.31
CA THR B 88 19.81 8.88 -38.86
C THR B 88 18.65 9.22 -37.96
N ARG B 89 18.76 10.33 -37.24
CA ARG B 89 17.72 10.70 -36.31
C ARG B 89 16.33 10.84 -36.96
N SER B 90 16.21 11.62 -38.03
CA SER B 90 14.90 11.83 -38.63
C SER B 90 14.36 10.56 -39.28
N ASP B 91 15.26 9.63 -39.60
CA ASP B 91 14.88 8.36 -40.20
C ASP B 91 14.15 7.51 -39.20
N CYS B 92 14.66 7.54 -37.98
CA CYS B 92 14.07 6.77 -36.91
C CYS B 92 12.75 7.39 -36.52
N ASP B 93 12.75 8.71 -36.32
CA ASP B 93 11.56 9.45 -35.88
C ASP B 93 10.38 9.17 -36.81
N THR B 94 10.69 9.01 -38.09
CA THR B 94 9.70 8.74 -39.12
C THR B 94 9.19 7.29 -39.09
N ALA B 95 10.11 6.33 -39.04
CA ALA B 95 9.75 4.91 -39.08
C ALA B 95 9.13 4.46 -37.76
N LEU B 96 9.39 5.23 -36.72
CA LEU B 96 8.79 5.00 -35.42
C LEU B 96 7.36 5.55 -35.46
N ALA B 97 7.24 6.79 -35.90
CA ALA B 97 5.94 7.44 -35.99
C ALA B 97 5.07 6.75 -37.03
N SER B 98 5.70 5.97 -37.91
CA SER B 98 4.96 5.12 -38.83
C SER B 98 4.46 3.87 -38.11
N TYR B 99 5.23 3.45 -37.11
CA TYR B 99 4.90 2.28 -36.31
C TYR B 99 3.74 2.54 -35.36
N LYS B 100 3.74 3.69 -34.71
CA LYS B 100 2.69 4.04 -33.74
C LYS B 100 1.36 4.10 -34.44
N SER B 101 1.39 4.17 -35.76
CA SER B 101 0.18 4.30 -36.55
C SER B 101 -0.12 3.06 -37.42
N GLY B 102 0.74 2.05 -37.33
CA GLY B 102 0.49 0.82 -38.07
C GLY B 102 0.78 0.97 -39.54
N THR B 103 1.52 2.03 -39.88
CA THR B 103 1.81 2.37 -41.27
C THR B 103 3.18 1.85 -41.70
N LEU B 104 3.96 1.38 -40.75
CA LEU B 104 5.29 0.90 -41.10
C LEU B 104 5.12 -0.36 -41.90
N VAL B 105 5.80 -0.42 -43.05
CA VAL B 105 5.71 -1.55 -43.98
C VAL B 105 7.07 -1.93 -44.50
N SER B 106 7.32 -3.22 -44.69
CA SER B 106 8.54 -3.69 -45.34
C SER B 106 8.35 -3.98 -46.82
N LEU B 107 8.77 -3.06 -47.68
CA LEU B 107 8.49 -3.18 -49.11
C LEU B 107 9.27 -4.32 -49.77
N GLY B 108 10.35 -4.76 -49.14
CA GLY B 108 11.07 -5.88 -49.70
C GLY B 108 12.09 -5.38 -50.71
N PHE B 109 12.33 -6.18 -51.73
CA PHE B 109 13.32 -5.85 -52.75
C PHE B 109 12.71 -5.04 -53.92
N PRO B 110 13.50 -4.09 -54.48
CA PRO B 110 13.07 -3.24 -55.59
C PRO B 110 12.73 -4.00 -56.87
N PRO B 111 11.85 -3.42 -57.71
CA PRO B 111 11.58 -3.92 -59.06
C PRO B 111 12.83 -3.87 -59.93
N GLU B 112 12.81 -4.55 -61.07
CA GLU B 112 14.03 -4.70 -61.89
C GLU B 112 14.28 -3.49 -62.78
N SER B 113 15.43 -2.85 -62.56
CA SER B 113 15.85 -1.68 -63.34
C SER B 113 17.08 -1.97 -64.21
N CYS B 114 16.86 -2.25 -65.49
CA CYS B 114 17.93 -2.68 -66.39
C CYS B 114 18.34 -1.69 -67.48
N GLY B 115 19.57 -1.85 -67.96
CA GLY B 115 20.12 -1.03 -69.02
C GLY B 115 21.28 -1.72 -69.73
N TYR B 116 21.97 -1.02 -70.63
CA TYR B 116 22.96 -1.64 -71.51
C TYR B 116 24.36 -1.10 -71.25
N ALA B 117 25.35 -2.00 -71.30
CA ALA B 117 26.77 -1.64 -71.21
C ALA B 117 27.10 -0.97 -69.87
N SER B 118 26.30 -1.27 -68.85
CA SER B 118 26.57 -0.77 -67.50
C SER B 118 25.78 -1.55 -66.47
N VAL B 119 26.45 -1.89 -65.36
CA VAL B 119 25.79 -2.56 -64.24
C VAL B 119 25.26 -1.51 -63.27
N THR B 120 23.94 -1.35 -63.28
CA THR B 120 23.30 -0.38 -62.42
C THR B 120 22.27 -1.09 -61.55
N ASP B 121 22.01 -0.51 -60.37
CA ASP B 121 21.15 -1.13 -59.37
C ASP B 121 20.21 -0.14 -58.65
N SER B 122 19.08 -0.64 -58.15
CA SER B 122 18.09 0.19 -57.46
C SER B 122 17.87 -0.26 -56.01
N GLU B 123 17.74 0.70 -55.10
CA GLU B 123 17.70 0.40 -53.68
C GLU B 123 16.46 0.93 -52.95
N PHE B 124 16.04 0.19 -51.93
CA PHE B 124 15.01 0.62 -50.99
C PHE B 124 15.65 0.93 -49.65
N LEU B 125 15.15 1.95 -48.98
CA LEU B 125 15.59 2.21 -47.62
C LEU B 125 14.61 1.56 -46.65
N VAL B 126 14.96 0.40 -46.10
CA VAL B 126 14.08 -0.30 -45.16
C VAL B 126 14.49 -0.15 -43.69
N ILE B 127 13.61 0.50 -42.91
CA ILE B 127 13.75 0.67 -41.46
C ILE B 127 12.82 -0.27 -40.67
N MET B 128 13.36 -0.95 -39.66
CA MET B 128 12.59 -1.84 -38.81
C MET B 128 12.52 -1.29 -37.41
N ILE B 129 11.31 -1.24 -36.89
CA ILE B 129 11.11 -0.85 -35.51
C ILE B 129 10.58 -2.06 -34.78
N THR B 130 11.47 -2.67 -33.99
CA THR B 130 11.13 -3.82 -33.15
C THR B 130 11.16 -3.29 -31.73
N PRO B 131 10.13 -3.61 -30.94
CA PRO B 131 10.05 -3.12 -29.54
C PRO B 131 11.11 -3.72 -28.64
N HIS B 132 11.71 -2.90 -27.79
CA HIS B 132 12.75 -3.39 -26.88
C HIS B 132 12.74 -2.62 -25.55
N HIS B 133 12.38 -3.31 -24.48
CA HIS B 133 12.30 -2.68 -23.15
C HIS B 133 13.64 -2.79 -22.44
N VAL B 134 14.08 -1.69 -21.85
CA VAL B 134 15.39 -1.65 -21.21
C VAL B 134 15.25 -1.43 -19.72
N GLY B 135 16.37 -1.42 -19.02
CA GLY B 135 16.41 -1.19 -17.59
C GLY B 135 16.84 0.25 -17.36
N VAL B 136 16.79 0.73 -16.12
CA VAL B 136 17.18 2.10 -15.83
C VAL B 136 18.07 2.19 -14.60
N ASP B 137 18.97 3.16 -14.57
CA ASP B 137 19.72 3.47 -13.35
C ASP B 137 19.34 4.86 -12.85
N ASP B 138 18.36 4.90 -11.94
CA ASP B 138 17.72 6.15 -11.50
C ASP B 138 18.56 7.16 -10.76
N TYR B 139 19.56 6.67 -10.04
CA TYR B 139 20.47 7.53 -9.29
C TYR B 139 21.47 8.21 -10.20
N ARG B 140 22.04 7.40 -11.09
CA ARG B 140 23.05 7.88 -11.98
C ARG B 140 22.38 8.53 -13.18
N GLY B 141 21.08 8.31 -13.33
CA GLY B 141 20.37 9.02 -14.37
C GLY B 141 20.64 8.61 -15.82
N HIS B 142 20.64 7.31 -16.09
CA HIS B 142 20.65 6.81 -17.46
C HIS B 142 20.06 5.41 -17.64
N TRP B 143 19.80 5.05 -18.89
CA TRP B 143 19.28 3.73 -19.25
C TRP B 143 20.35 2.72 -18.98
N VAL B 144 20.00 1.45 -19.02
CA VAL B 144 21.01 0.42 -18.91
C VAL B 144 20.52 -0.81 -19.64
N ASP B 145 21.41 -1.37 -20.45
CA ASP B 145 21.14 -2.50 -21.33
C ASP B 145 22.49 -3.15 -21.63
N PRO B 146 22.52 -4.46 -21.97
CA PRO B 146 23.77 -5.07 -22.44
C PRO B 146 24.17 -4.65 -23.89
N LEU B 147 23.15 -4.41 -24.71
CA LEU B 147 23.28 -3.98 -26.10
C LEU B 147 23.80 -2.56 -26.23
N PHE B 148 23.81 -1.81 -25.15
CA PHE B 148 24.30 -0.44 -25.26
C PHE B 148 25.81 -0.41 -25.33
N VAL B 149 26.30 0.71 -25.85
CA VAL B 149 27.73 1.02 -25.88
C VAL B 149 28.21 1.30 -24.48
N GLY B 150 29.01 0.37 -23.98
CA GLY B 150 29.49 0.47 -22.62
C GLY B 150 28.53 -0.13 -21.62
N GLY B 151 27.32 -0.46 -22.08
CA GLY B 151 26.30 -1.05 -21.21
C GLY B 151 25.28 -0.07 -20.64
N GLU B 152 25.29 1.15 -21.14
CA GLU B 152 24.43 2.21 -20.66
C GLU B 152 24.37 3.34 -21.67
N CYS B 153 23.36 4.20 -21.56
CA CYS B 153 23.25 5.35 -22.43
C CYS B 153 22.38 6.38 -21.77
N ASP B 154 22.63 7.65 -22.03
CA ASP B 154 21.81 8.65 -21.35
C ASP B 154 21.12 9.64 -22.27
N GLN B 155 20.92 9.29 -23.54
CA GLN B 155 20.17 10.16 -24.43
C GLN B 155 18.93 9.47 -25.00
N SER B 156 18.08 10.22 -25.66
CA SER B 156 16.87 9.66 -26.28
C SER B 156 17.20 8.98 -27.62
N TYR B 157 18.42 9.17 -28.12
CA TYR B 157 18.90 8.49 -29.32
C TYR B 157 20.17 7.72 -29.02
N CYS B 158 20.00 6.49 -28.52
CA CYS B 158 21.10 5.68 -28.03
C CYS B 158 21.72 4.78 -29.09
N ASP B 159 23.04 4.77 -29.15
CA ASP B 159 23.74 3.84 -30.04
C ASP B 159 23.91 2.45 -29.42
N THR B 160 23.94 1.43 -30.27
CA THR B 160 24.11 0.06 -29.81
C THR B 160 25.43 -0.51 -30.29
N ILE B 161 25.72 -1.74 -29.89
CA ILE B 161 26.95 -2.39 -30.34
C ILE B 161 26.89 -2.71 -31.81
N HIS B 162 25.74 -3.19 -32.29
CA HIS B 162 25.56 -3.47 -33.72
C HIS B 162 25.37 -2.14 -34.42
N ASN B 163 26.20 -1.87 -35.41
CA ASN B 163 26.26 -0.55 -36.02
C ASN B 163 24.94 -0.09 -36.67
N SER B 164 24.03 -1.01 -36.94
CA SER B 164 22.82 -0.67 -37.71
C SER B 164 21.57 -0.53 -36.84
N SER B 165 21.76 -0.51 -35.53
CA SER B 165 20.65 -0.39 -34.59
C SER B 165 20.90 0.76 -33.58
N VAL B 166 19.85 1.56 -33.36
CA VAL B 166 19.84 2.60 -32.32
C VAL B 166 18.59 2.40 -31.47
N TRP B 167 18.63 2.84 -30.20
CA TRP B 167 17.47 2.63 -29.30
C TRP B 167 16.80 3.96 -28.94
N ILE B 168 15.48 3.96 -29.10
CA ILE B 168 14.64 5.11 -28.79
C ILE B 168 13.64 4.74 -27.70
N PRO B 169 13.52 5.58 -26.65
CA PRO B 169 12.53 5.32 -25.61
C PRO B 169 11.10 5.64 -26.09
N ALA B 170 10.07 4.94 -25.58
CA ALA B 170 8.69 5.12 -26.05
C ALA B 170 8.28 6.59 -26.09
N ASP B 171 8.70 7.34 -25.08
CA ASP B 171 8.38 8.76 -25.02
C ASP B 171 9.64 9.59 -25.14
N GLN B 172 9.79 10.16 -26.32
CA GLN B 172 10.94 10.96 -26.71
C GLN B 172 10.93 12.36 -26.12
N THR B 173 9.77 12.76 -25.59
CA THR B 173 9.60 14.12 -25.08
C THR B 173 10.33 14.34 -23.74
N LYS B 174 10.12 13.45 -22.78
CA LYS B 174 10.59 13.66 -21.41
C LYS B 174 12.11 13.55 -21.33
N LYS B 175 12.74 14.60 -20.82
CA LYS B 175 14.19 14.67 -20.75
C LYS B 175 14.79 13.86 -19.58
N ASN B 176 14.35 14.07 -18.35
CA ASN B 176 14.85 13.19 -17.29
C ASN B 176 14.52 11.74 -17.64
N ILE B 177 15.51 10.89 -17.52
CA ILE B 177 15.30 9.48 -17.79
C ILE B 177 15.21 8.75 -16.43
N CYS B 178 13.98 8.55 -16.00
CA CYS B 178 13.65 8.08 -14.65
C CYS B 178 12.74 6.88 -14.70
N GLY B 179 13.03 5.86 -13.90
CA GLY B 179 12.23 4.64 -13.92
C GLY B 179 10.86 4.72 -13.24
N GLN B 180 10.81 5.22 -12.02
CA GLN B 180 9.56 5.25 -11.25
C GLN B 180 8.76 6.53 -11.34
N SER B 181 7.45 6.42 -11.15
CA SER B 181 6.59 7.60 -11.16
C SER B 181 6.42 8.27 -9.77
N PHE B 182 6.10 9.55 -9.78
CA PHE B 182 6.06 10.32 -8.57
C PHE B 182 4.66 10.76 -8.34
N THR B 183 4.48 11.25 -7.11
CA THR B 183 3.27 11.87 -6.59
C THR B 183 3.76 13.10 -5.83
N PRO B 184 2.89 14.12 -5.71
CA PRO B 184 3.17 15.32 -4.93
C PRO B 184 3.07 15.13 -3.43
N LEU B 185 3.71 15.98 -2.66
CA LEU B 185 3.73 15.86 -1.20
C LEU B 185 4.12 17.19 -0.57
N THR B 186 3.55 17.50 0.59
CA THR B 186 3.91 18.75 1.20
C THR B 186 4.72 18.50 2.47
N VAL B 187 5.98 18.86 2.42
CA VAL B 187 6.89 18.60 3.52
C VAL B 187 6.96 19.80 4.44
N THR B 188 6.78 19.59 5.73
CA THR B 188 6.86 20.69 6.70
C THR B 188 8.26 20.77 7.28
N VAL B 189 8.75 21.97 7.53
CA VAL B 189 10.04 22.14 8.20
C VAL B 189 9.94 22.85 9.55
N ALA B 190 10.43 22.21 10.59
CA ALA B 190 10.36 22.79 11.90
C ALA B 190 11.70 23.30 12.39
N TYR B 191 11.76 24.51 12.90
CA TYR B 191 13.02 24.98 13.42
C TYR B 191 12.94 25.96 14.56
N ASP B 192 14.05 26.15 15.24
CA ASP B 192 14.12 27.13 16.32
C ASP B 192 14.39 28.49 15.72
N LYS B 193 13.43 29.39 15.91
CA LYS B 193 13.43 30.74 15.33
C LYS B 193 14.55 31.60 15.86
N THR B 194 15.05 31.25 17.04
CA THR B 194 16.11 32.01 17.69
C THR B 194 17.48 31.75 17.05
N LYS B 195 17.82 30.47 16.88
CA LYS B 195 19.11 30.04 16.38
C LYS B 195 19.22 30.21 14.86
N GLU B 196 20.46 30.23 14.37
CA GLU B 196 20.73 30.19 12.94
C GLU B 196 20.14 28.93 12.30
N ILE B 197 19.47 29.05 11.18
CA ILE B 197 18.94 27.87 10.51
C ILE B 197 20.14 27.01 10.14
N ALA B 198 19.99 25.70 10.31
CA ALA B 198 21.02 24.73 10.05
C ALA B 198 20.41 23.34 9.91
N ALA B 199 21.10 22.38 9.30
CA ALA B 199 20.56 21.02 9.19
C ALA B 199 20.35 20.42 10.60
N GLY B 200 21.11 20.91 11.58
CA GLY B 200 21.08 20.36 12.91
C GLY B 200 19.81 20.73 13.65
N GLY B 201 19.46 22.02 13.63
CA GLY B 201 18.27 22.52 14.31
C GLY B 201 16.94 22.27 13.59
N ILE B 202 16.96 21.49 12.50
CA ILE B 202 15.80 21.22 11.62
C ILE B 202 15.22 19.79 11.70
N VAL B 203 13.88 19.69 11.85
CA VAL B 203 13.13 18.42 11.81
C VAL B 203 12.10 18.42 10.70
N PHE B 204 12.11 17.41 9.85
CA PHE B 204 11.18 17.37 8.73
C PHE B 204 9.95 16.57 9.09
N LYS B 205 8.75 17.07 8.80
CA LYS B 205 7.50 16.32 9.02
C LYS B 205 6.66 16.26 7.74
N SER B 206 5.85 15.21 7.57
CA SER B 206 4.75 15.21 6.57
C SER B 206 3.69 14.19 6.96
N LYS B 207 2.76 13.90 6.05
CA LYS B 207 1.68 12.99 6.39
C LYS B 207 2.10 11.53 6.38
N TYR B 208 3.29 11.32 5.85
CA TYR B 208 3.89 10.00 5.84
C TYR B 208 5.13 9.99 6.68
N HIS B 209 5.50 11.15 7.21
CA HIS B 209 6.74 11.29 7.96
C HIS B 209 6.51 11.97 9.29
N SER B 210 6.64 11.18 10.33
CA SER B 210 6.60 11.67 11.67
C SER B 210 8.04 11.97 12.07
N HIS B 211 8.33 13.22 12.42
CA HIS B 211 9.68 13.59 12.89
C HIS B 211 10.96 12.98 12.24
N MET B 212 11.36 13.42 11.04
CA MET B 212 12.66 13.05 10.43
C MET B 212 13.74 14.08 10.75
N GLU B 213 14.84 13.64 11.35
CA GLU B 213 15.90 14.52 11.80
C GLU B 213 16.76 15.15 10.68
N GLY B 214 16.93 16.47 10.74
CA GLY B 214 17.66 17.12 9.66
C GLY B 214 19.12 16.82 9.72
N ALA B 215 19.57 16.46 10.92
CA ALA B 215 20.96 16.09 11.20
C ALA B 215 21.34 14.74 10.59
N ARG B 216 20.37 13.86 10.48
CA ARG B 216 20.56 12.57 9.86
C ARG B 216 19.98 12.49 8.42
N THR B 217 19.58 13.65 7.91
CA THR B 217 19.25 13.83 6.49
C THR B 217 20.38 14.34 5.59
N CYS B 218 20.53 13.77 4.41
CA CYS B 218 21.58 14.23 3.52
C CYS B 218 21.10 14.43 2.08
N ARG B 219 21.67 15.42 1.38
CA ARG B 219 21.30 15.72 0.00
C ARG B 219 21.63 14.60 -0.96
N LEU B 220 20.63 14.18 -1.72
CA LEU B 220 20.84 13.19 -2.74
C LEU B 220 20.11 13.65 -3.99
N SER B 221 20.81 13.67 -5.11
CA SER B 221 20.21 13.97 -6.40
C SER B 221 19.67 12.68 -7.05
N TYR B 222 18.41 12.71 -7.47
CA TYR B 222 17.64 11.49 -7.81
C TYR B 222 16.69 11.66 -9.01
N CYS B 223 16.81 10.78 -9.99
CA CYS B 223 15.99 10.82 -11.21
C CYS B 223 15.99 12.16 -11.94
N GLY B 224 17.15 12.82 -11.91
CA GLY B 224 17.33 14.09 -12.57
C GLY B 224 16.76 15.26 -11.81
N ARG B 225 16.51 15.10 -10.52
CA ARG B 225 16.13 16.26 -9.71
C ARG B 225 16.72 16.25 -8.30
N ASN B 226 17.29 17.37 -7.86
CA ASN B 226 17.81 17.47 -6.51
C ASN B 226 16.75 17.15 -5.49
N GLY B 227 17.19 16.73 -4.30
CA GLY B 227 16.30 16.34 -3.23
C GLY B 227 17.09 15.91 -2.01
N ILE B 228 16.38 15.46 -0.97
CA ILE B 228 16.95 15.04 0.33
C ILE B 228 16.50 13.63 0.77
N LYS B 229 17.43 12.81 1.25
CA LYS B 229 17.08 11.48 1.74
C LYS B 229 16.99 11.45 3.24
N PHE B 230 15.78 11.19 3.71
CA PHE B 230 15.49 11.05 5.13
C PHE B 230 16.16 9.81 5.59
N PRO B 231 16.41 9.70 6.90
CA PRO B 231 16.98 8.46 7.41
C PRO B 231 16.27 7.19 6.94
N ASN B 232 14.96 7.17 6.75
CA ASN B 232 14.34 5.86 6.51
C ASN B 232 14.43 5.43 5.04
N GLY B 233 15.15 6.19 4.23
CA GLY B 233 15.38 5.71 2.89
C GLY B 233 14.42 6.33 1.93
N GLU B 234 13.36 6.92 2.48
CA GLU B 234 12.40 7.65 1.68
C GLU B 234 13.00 8.97 1.28
N TRP B 235 12.51 9.49 0.18
CA TRP B 235 13.15 10.63 -0.39
C TRP B 235 12.12 11.58 -0.88
N VAL B 236 12.40 12.85 -0.67
CA VAL B 236 11.55 13.92 -1.17
C VAL B 236 12.42 14.84 -2.01
N SER B 237 11.81 15.38 -3.05
CA SER B 237 12.47 16.29 -3.98
C SER B 237 12.52 17.68 -3.38
N LEU B 238 13.68 18.31 -3.46
CA LEU B 238 13.89 19.63 -2.87
C LEU B 238 14.88 20.36 -3.75
N ASP B 239 14.47 21.48 -4.33
CA ASP B 239 15.40 22.18 -5.21
C ASP B 239 15.92 23.41 -4.49
N VAL B 240 16.88 24.06 -5.14
CA VAL B 240 17.73 25.04 -4.49
C VAL B 240 17.09 26.38 -4.26
N LYS B 241 15.93 26.58 -4.88
CA LYS B 241 15.16 27.79 -4.75
C LYS B 241 14.50 27.90 -3.39
N THR B 242 14.08 26.76 -2.86
CA THR B 242 13.34 26.74 -1.61
C THR B 242 14.15 27.34 -0.49
N ARG B 243 13.63 28.39 0.12
CA ARG B 243 14.31 29.02 1.23
C ARG B 243 13.57 28.83 2.55
N ILE B 244 14.34 28.60 3.60
CA ILE B 244 13.79 28.55 4.96
C ILE B 244 14.50 29.66 5.69
N GLN B 245 13.75 30.54 6.34
CA GLN B 245 14.37 31.69 7.01
C GLN B 245 15.19 32.56 6.00
N GLU B 246 14.60 32.79 4.83
CA GLU B 246 15.22 33.52 3.69
C GLU B 246 16.57 33.01 3.24
N LYS B 247 16.89 31.76 3.55
CA LYS B 247 18.16 31.14 3.16
C LYS B 247 17.92 29.89 2.35
N HIS B 248 18.78 29.63 1.37
CA HIS B 248 18.74 28.38 0.61
C HIS B 248 18.72 27.15 1.53
N LEU B 249 17.76 26.23 1.35
CA LEU B 249 17.57 25.07 2.28
C LEU B 249 18.40 23.85 1.97
N LEU B 250 18.30 23.41 0.72
CA LEU B 250 19.01 22.25 0.18
C LEU B 250 20.49 22.26 0.57
N PRO B 251 21.17 23.43 0.46
CA PRO B 251 22.59 23.53 0.84
C PRO B 251 22.96 23.26 2.30
N LEU B 252 21.99 23.34 3.19
CA LEU B 252 22.27 23.11 4.59
C LEU B 252 22.75 21.67 4.83
N PHE B 253 22.47 20.77 3.88
CA PHE B 253 22.71 19.35 4.06
C PHE B 253 23.84 18.82 3.24
N LYS B 254 24.68 17.99 3.86
CA LYS B 254 25.80 17.32 3.19
C LYS B 254 25.29 16.41 2.07
N GLU B 255 26.17 15.92 1.20
CA GLU B 255 25.77 15.02 0.12
C GLU B 255 25.74 13.57 0.59
N CYS B 256 24.79 12.77 0.12
CA CYS B 256 24.70 11.39 0.61
C CYS B 256 25.79 10.62 -0.04
N PRO B 257 26.41 9.64 0.68
CA PRO B 257 27.57 8.86 0.24
C PRO B 257 27.31 8.16 -1.06
N ALA B 258 28.36 7.81 -1.80
CA ALA B 258 28.12 7.10 -3.04
C ALA B 258 27.45 5.76 -2.74
N GLY B 259 26.66 5.29 -3.71
CA GLY B 259 25.97 4.02 -3.56
C GLY B 259 24.96 4.00 -2.44
N THR B 260 24.47 5.19 -2.09
CA THR B 260 23.34 5.37 -1.18
C THR B 260 22.05 5.19 -1.97
N GLU B 261 21.15 4.31 -1.56
CA GLU B 261 19.92 4.15 -2.35
C GLU B 261 18.63 4.53 -1.58
N VAL B 262 17.57 4.78 -2.35
CA VAL B 262 16.32 5.37 -1.86
C VAL B 262 15.11 4.43 -1.90
N ARG B 263 14.21 4.52 -0.89
CA ARG B 263 12.97 3.75 -0.89
C ARG B 263 11.77 4.58 -1.35
N SER B 264 10.78 3.89 -1.91
CA SER B 264 9.55 4.56 -2.34
C SER B 264 8.69 5.01 -1.15
N THR B 265 7.72 5.89 -1.38
CA THR B 265 6.83 6.28 -0.30
C THR B 265 5.47 5.66 -0.55
N LEU B 266 5.19 4.52 0.04
CA LEU B 266 3.85 4.01 -0.13
C LEU B 266 2.94 4.69 0.88
N GLN B 267 1.63 4.54 0.64
CA GLN B 267 0.61 5.18 1.45
C GLN B 267 0.43 4.47 2.71
N SER B 268 0.91 3.26 2.76
CA SER B 268 0.82 2.48 3.97
C SER B 268 1.63 3.17 5.09
N ASP B 269 2.42 4.16 4.72
CA ASP B 269 3.22 4.96 5.66
C ASP B 269 2.48 5.75 6.70
N GLY B 270 1.24 6.13 6.45
CA GLY B 270 0.57 6.95 7.44
C GLY B 270 0.38 6.25 8.78
N ALA B 271 0.24 4.93 8.73
CA ALA B 271 -0.09 4.14 9.91
C ALA B 271 0.95 4.29 11.03
N GLN B 272 2.17 4.66 10.64
CA GLN B 272 3.27 4.94 11.56
C GLN B 272 3.08 6.31 12.11
N VAL B 273 2.76 7.28 11.25
CA VAL B 273 2.54 8.66 11.71
C VAL B 273 1.39 8.65 12.73
N LEU B 274 0.39 7.81 12.50
CA LEU B 274 -0.77 7.74 13.40
C LEU B 274 -0.46 7.09 14.74
N THR B 275 0.06 5.86 14.74
CA THR B 275 0.24 5.18 16.02
C THR B 275 1.40 5.81 16.77
N SER B 276 2.18 6.64 16.08
CA SER B 276 3.21 7.34 16.82
C SER B 276 2.57 8.41 17.66
N GLU B 277 1.62 9.12 17.07
CA GLU B 277 0.88 10.21 17.73
C GLU B 277 0.04 9.70 18.85
N ILE B 278 -0.43 8.48 18.70
CA ILE B 278 -1.26 7.94 19.75
C ILE B 278 -0.39 7.65 20.96
N GLN B 279 0.78 7.08 20.74
CA GLN B 279 1.62 6.75 21.89
C GLN B 279 2.15 8.03 22.53
N ARG B 280 2.42 9.05 21.73
CA ARG B 280 2.94 10.33 22.23
C ARG B 280 1.96 10.93 23.19
N ILE B 281 0.69 10.62 22.95
CA ILE B 281 -0.43 11.13 23.73
C ILE B 281 -0.67 10.31 24.95
N LEU B 282 -0.70 9.00 24.76
CA LEU B 282 -0.97 8.07 25.84
C LEU B 282 0.12 8.20 26.86
N ASP B 283 1.36 8.23 26.39
CA ASP B 283 2.44 8.46 27.32
C ASP B 283 2.32 9.75 28.05
N TYR B 284 1.64 10.73 27.48
CA TYR B 284 1.52 12.00 28.18
C TYR B 284 0.61 11.89 29.39
N SER B 285 -0.57 11.33 29.15
CA SER B 285 -1.56 11.23 30.20
C SER B 285 -1.14 10.23 31.21
N LEU B 286 -0.31 9.29 30.82
CA LEU B 286 0.17 8.28 31.77
C LEU B 286 1.21 8.93 32.63
N CYS B 287 1.95 9.89 32.09
CA CYS B 287 2.95 10.59 32.89
C CYS B 287 2.26 11.45 33.91
N GLN B 288 1.16 12.06 33.49
CA GLN B 288 0.31 12.86 34.36
C GLN B 288 -0.39 12.00 35.39
N ASN B 289 -0.86 10.83 34.95
CA ASN B 289 -1.62 9.93 35.81
C ASN B 289 -0.77 9.59 37.03
N THR B 290 0.54 9.69 36.89
CA THR B 290 1.48 9.46 37.99
C THR B 290 1.80 10.73 38.75
N TRP B 291 1.87 11.86 38.06
CA TRP B 291 2.06 13.13 38.75
C TRP B 291 0.86 13.36 39.64
N ASP B 292 -0.31 12.93 39.19
CA ASP B 292 -1.46 13.03 40.06
C ASP B 292 -1.23 12.19 41.31
N LYS B 293 -0.60 11.04 41.16
CA LYS B 293 -0.29 10.21 42.32
C LYS B 293 0.69 10.94 43.21
N VAL B 294 1.69 11.56 42.61
CA VAL B 294 2.65 12.33 43.37
C VAL B 294 1.86 13.37 44.10
N GLU B 295 0.90 14.00 43.42
CA GLU B 295 0.07 15.04 44.04
C GLU B 295 -0.63 14.57 45.30
N ARG B 296 -1.22 13.39 45.19
CA ARG B 296 -2.04 12.82 46.24
C ARG B 296 -1.27 12.19 47.34
N LYS B 297 0.04 12.24 47.27
CA LYS B 297 0.88 11.59 48.28
C LYS B 297 0.68 10.04 48.35
N GLU B 298 0.28 9.41 47.26
CA GLU B 298 0.22 7.97 47.22
C GLU B 298 1.60 7.51 46.83
N PRO B 299 2.13 6.48 47.52
CA PRO B 299 3.49 6.02 47.25
C PRO B 299 3.66 5.58 45.79
N LEU B 300 4.83 5.78 45.21
CA LEU B 300 4.97 5.47 43.80
C LEU B 300 5.45 4.05 43.53
N SER B 301 4.84 3.38 42.56
CA SER B 301 5.26 2.04 42.22
C SER B 301 6.34 2.09 41.13
N PRO B 302 7.06 0.96 40.90
CA PRO B 302 8.07 0.89 39.85
C PRO B 302 7.51 1.15 38.48
N LEU B 303 6.23 0.81 38.30
CA LEU B 303 5.55 1.14 37.06
C LEU B 303 5.29 2.64 36.99
N ASP B 304 4.91 3.20 38.12
CA ASP B 304 4.60 4.61 38.20
C ASP B 304 5.75 5.44 37.71
N LEU B 305 6.95 5.02 38.07
CA LEU B 305 8.13 5.80 37.76
C LEU B 305 8.48 5.75 36.29
N SER B 306 8.26 4.64 35.60
CA SER B 306 8.57 4.55 34.19
C SER B 306 7.56 5.40 33.47
N TYR B 307 6.45 5.65 34.11
CA TYR B 307 5.48 6.56 33.53
C TYR B 307 6.03 7.97 33.45
N LEU B 308 6.90 8.36 34.37
CA LEU B 308 7.33 9.75 34.45
C LEU B 308 8.43 10.11 33.46
N ALA B 309 9.13 9.07 33.04
CA ALA B 309 10.33 9.21 32.25
C ALA B 309 10.12 9.28 30.73
N SER B 310 11.15 9.82 30.07
CA SER B 310 11.25 9.80 28.63
C SER B 310 11.43 8.34 28.17
N LYS B 311 10.90 8.04 27.00
CA LYS B 311 10.94 6.67 26.49
C LYS B 311 11.45 6.62 25.06
N SER B 312 11.99 7.73 24.57
CA SER B 312 12.54 7.76 23.22
C SER B 312 13.97 8.29 23.20
N PRO B 313 14.81 7.71 22.31
CA PRO B 313 16.25 7.96 22.19
C PRO B 313 16.61 9.41 22.00
N GLY B 314 17.48 9.96 22.84
CA GLY B 314 17.81 11.36 22.79
C GLY B 314 17.70 11.93 24.19
N LYS B 315 18.20 13.16 24.37
CA LYS B 315 18.26 13.77 25.69
C LYS B 315 16.88 13.82 26.34
N GLY B 316 16.77 13.25 27.54
CA GLY B 316 15.52 13.20 28.30
C GLY B 316 15.80 13.25 29.79
N LEU B 317 14.84 12.80 30.59
CA LEU B 317 15.01 12.78 32.06
C LEU B 317 14.87 11.38 32.65
N ALA B 318 15.54 11.13 33.76
CA ALA B 318 15.24 9.87 34.42
C ALA B 318 14.83 10.11 35.88
N TYR B 319 14.00 9.21 36.39
CA TYR B 319 13.49 9.40 37.72
C TYR B 319 13.75 8.14 38.50
N THR B 320 13.93 8.31 39.80
CA THR B 320 14.10 7.17 40.67
C THR B 320 13.69 7.71 42.02
N VAL B 321 13.93 6.92 43.05
CA VAL B 321 13.54 7.23 44.41
C VAL B 321 14.67 6.98 45.40
N ILE B 322 15.27 8.06 45.84
CA ILE B 322 16.37 8.01 46.76
C ILE B 322 15.93 8.24 48.21
N ASN B 323 15.79 7.13 48.94
CA ASN B 323 15.38 7.10 50.34
C ASN B 323 14.18 8.01 50.57
N GLY B 324 13.13 7.71 49.81
CA GLY B 324 11.85 8.40 49.85
C GLY B 324 11.74 9.75 49.15
N THR B 325 12.84 10.24 48.59
CA THR B 325 12.79 11.49 47.86
C THR B 325 12.74 11.14 46.40
N LEU B 326 11.67 11.51 45.73
CA LEU B 326 11.58 11.36 44.29
C LEU B 326 12.64 12.25 43.70
N SER B 327 13.53 11.65 42.91
CA SER B 327 14.62 12.38 42.34
C SER B 327 14.58 12.18 40.85
N PHE B 328 15.10 13.18 40.13
CA PHE B 328 15.24 13.13 38.69
C PHE B 328 16.69 13.22 38.34
N ALA B 329 17.00 12.83 37.11
CA ALA B 329 18.38 12.99 36.62
C ALA B 329 18.32 13.31 35.13
N HIS B 330 19.31 14.09 34.69
CA HIS B 330 19.48 14.34 33.28
C HIS B 330 20.32 13.26 32.62
N THR B 331 19.92 12.85 31.42
CA THR B 331 20.67 11.85 30.67
C THR B 331 20.13 11.78 29.26
N ARG B 332 20.95 11.27 28.35
CA ARG B 332 20.53 10.99 26.99
C ARG B 332 20.19 9.52 26.86
N TYR B 333 19.06 9.21 26.26
CA TYR B 333 18.62 7.82 26.15
C TYR B 333 19.19 7.16 24.90
N VAL B 334 19.55 5.89 25.01
CA VAL B 334 19.98 5.14 23.83
C VAL B 334 19.06 3.94 23.77
N ARG B 335 19.10 3.24 22.65
CA ARG B 335 18.28 2.07 22.49
C ARG B 335 19.11 0.87 22.89
N MET B 336 18.61 0.02 23.78
CA MET B 336 19.32 -1.21 24.14
C MET B 336 18.53 -2.44 23.79
N TRP B 337 19.26 -3.53 23.68
CA TRP B 337 18.65 -4.82 23.44
C TRP B 337 18.87 -5.76 24.62
N ILE B 338 17.84 -5.88 25.46
CA ILE B 338 17.84 -6.82 26.56
C ILE B 338 17.36 -8.17 26.09
N ASP B 339 17.83 -9.22 26.73
CA ASP B 339 17.51 -10.56 26.30
C ASP B 339 16.07 -10.92 26.66
N GLY B 340 15.56 -10.28 27.70
CA GLY B 340 14.21 -10.52 28.15
C GLY B 340 13.75 -9.43 29.11
N PRO B 341 12.52 -9.57 29.64
CA PRO B 341 11.87 -8.63 30.55
C PRO B 341 12.46 -8.70 31.95
N VAL B 342 13.02 -9.87 32.25
CA VAL B 342 13.71 -10.11 33.50
C VAL B 342 15.05 -10.80 33.23
N LEU B 343 16.12 -10.08 33.55
CA LEU B 343 17.46 -10.54 33.25
C LEU B 343 18.15 -11.10 34.48
N LYS B 344 19.18 -11.90 34.26
CA LYS B 344 19.98 -12.46 35.36
C LYS B 344 21.15 -11.53 35.72
N GLU B 345 21.59 -10.72 34.77
CA GLU B 345 22.62 -9.70 35.02
C GLU B 345 22.23 -8.40 34.34
N PRO B 346 22.55 -7.24 34.93
CA PRO B 346 22.09 -6.00 34.31
C PRO B 346 22.87 -5.66 33.04
N LYS B 347 22.71 -6.45 31.97
CA LYS B 347 23.56 -6.26 30.80
C LYS B 347 22.71 -6.21 29.55
N GLY B 348 23.03 -5.28 28.65
CA GLY B 348 22.30 -5.14 27.40
C GLY B 348 23.15 -4.71 26.22
N LYS B 349 22.68 -5.05 25.02
CA LYS B 349 23.48 -4.84 23.82
C LYS B 349 23.20 -3.46 23.23
N ARG B 350 24.07 -2.47 23.48
CA ARG B 350 23.75 -1.09 23.12
C ARG B 350 23.92 -0.87 21.64
N GLU B 351 23.02 -0.05 21.09
CA GLU B 351 23.04 0.35 19.67
C GLU B 351 23.03 -0.77 18.61
N SER B 352 23.06 -2.04 19.02
CA SER B 352 22.94 -3.16 18.08
C SER B 352 22.60 -4.47 18.79
N PRO B 353 21.68 -5.26 18.20
CA PRO B 353 21.19 -6.53 18.78
C PRO B 353 22.23 -7.63 18.69
N SER B 354 23.21 -7.34 17.86
CA SER B 354 24.42 -8.12 17.73
C SER B 354 25.55 -7.30 18.33
N GLY B 355 25.39 -6.81 19.55
CA GLY B 355 26.45 -6.09 20.20
C GLY B 355 26.93 -6.72 21.49
N ILE B 356 27.79 -6.00 22.18
CA ILE B 356 28.40 -6.44 23.44
C ILE B 356 27.49 -6.30 24.66
N SER B 357 27.02 -7.40 25.23
CA SER B 357 26.23 -7.27 26.46
C SER B 357 27.11 -6.61 27.48
N SER B 358 26.97 -5.30 27.67
CA SER B 358 27.68 -4.58 28.74
C SER B 358 26.72 -4.19 29.89
N ASP B 359 27.28 -3.90 31.05
CA ASP B 359 26.45 -3.50 32.18
C ASP B 359 25.72 -2.22 31.83
N ILE B 360 24.40 -2.21 32.02
CA ILE B 360 23.57 -1.05 31.66
C ILE B 360 23.49 -0.08 32.80
N TRP B 361 23.45 -0.64 34.00
CA TRP B 361 23.28 0.15 35.19
C TRP B 361 24.05 -0.46 36.37
N THR B 362 24.59 0.44 37.16
CA THR B 362 25.33 0.08 38.33
C THR B 362 24.99 0.91 39.58
N GLN B 363 24.28 2.02 39.40
CA GLN B 363 24.01 2.89 40.53
C GLN B 363 22.69 2.50 41.19
N TRP B 364 22.72 1.62 42.20
CA TRP B 364 21.50 1.06 42.79
C TRP B 364 21.14 1.64 44.13
N PHE B 365 19.89 2.08 44.27
CA PHE B 365 19.38 2.59 45.53
C PHE B 365 18.48 1.60 46.27
N LYS B 366 18.31 1.83 47.58
CA LYS B 366 17.46 1.00 48.43
C LYS B 366 15.97 1.29 48.21
N TYR B 367 15.20 0.23 48.21
CA TYR B 367 13.81 0.34 47.85
C TYR B 367 12.96 -0.67 48.59
N GLY B 368 12.72 -0.36 49.86
CA GLY B 368 12.09 -1.29 50.76
C GLY B 368 13.15 -2.33 51.11
N ASP B 369 13.03 -3.53 50.56
CA ASP B 369 14.04 -4.54 50.83
C ASP B 369 14.86 -4.84 49.58
N MET B 370 14.34 -4.44 48.44
CA MET B 370 15.04 -4.70 47.20
C MET B 370 15.68 -3.40 46.73
N GLU B 371 16.41 -3.44 45.63
CA GLU B 371 16.97 -2.19 45.17
C GLU B 371 16.29 -1.71 43.85
N ILE B 372 16.39 -0.40 43.58
CA ILE B 372 15.73 0.17 42.41
C ILE B 372 16.65 1.14 41.74
N GLY B 373 16.71 1.03 40.41
CA GLY B 373 17.54 1.87 39.55
C GLY B 373 16.80 3.01 38.90
N PRO B 374 17.05 3.26 37.61
CA PRO B 374 16.39 4.39 36.97
C PRO B 374 15.09 4.01 36.28
N ASN B 375 14.07 4.84 36.49
CA ASN B 375 12.77 4.78 35.83
C ASN B 375 12.11 3.44 36.04
N GLY B 376 12.18 3.01 37.32
CA GLY B 376 11.52 1.83 37.88
C GLY B 376 12.15 0.45 37.65
N LEU B 377 13.44 0.42 37.26
CA LEU B 377 14.18 -0.82 37.10
C LEU B 377 14.58 -1.28 38.45
N LEU B 378 14.25 -2.55 38.72
CA LEU B 378 14.45 -3.18 40.01
C LEU B 378 15.54 -4.20 39.93
N LYS B 379 16.28 -4.25 41.05
CA LYS B 379 17.27 -5.26 41.38
C LYS B 379 16.68 -6.06 42.49
N THR B 380 16.24 -7.25 42.15
CA THR B 380 15.58 -8.11 43.09
C THR B 380 16.29 -9.43 43.26
N ALA B 381 15.89 -10.18 44.27
CA ALA B 381 16.43 -11.51 44.46
C ALA B 381 15.94 -12.45 43.34
N GLY B 382 14.95 -12.04 42.58
CA GLY B 382 14.43 -12.83 41.48
C GLY B 382 15.11 -12.49 40.16
N GLY B 383 15.99 -11.50 40.24
CA GLY B 383 16.73 -11.03 39.08
C GLY B 383 16.50 -9.53 38.95
N TYR B 384 16.92 -8.96 37.82
CA TYR B 384 16.75 -7.55 37.55
C TYR B 384 15.57 -7.38 36.59
N LYS B 385 14.47 -6.79 37.04
CA LYS B 385 13.21 -6.68 36.24
C LYS B 385 12.98 -5.26 35.68
N PHE B 386 12.51 -5.12 34.43
CA PHE B 386 12.13 -3.80 33.90
C PHE B 386 10.63 -3.53 34.19
N PRO B 387 10.11 -2.28 34.00
CA PRO B 387 8.64 -2.19 34.10
C PRO B 387 8.03 -2.64 32.79
N TRP B 388 6.77 -3.06 32.77
CA TRP B 388 6.23 -3.68 31.56
C TRP B 388 5.84 -2.63 30.56
N HIS B 389 5.60 -1.42 31.03
CA HIS B 389 5.26 -0.32 30.15
C HIS B 389 6.43 0.01 29.25
N LEU B 390 7.61 -0.01 29.84
CA LEU B 390 8.80 0.33 29.14
C LEU B 390 9.05 -0.72 28.08
N ILE B 391 8.89 -1.96 28.48
CA ILE B 391 9.11 -3.09 27.58
C ILE B 391 8.20 -3.13 26.37
N GLY B 392 6.91 -2.91 26.63
CA GLY B 392 5.86 -2.94 25.63
C GLY B 392 6.01 -1.77 24.73
N MET B 393 6.46 -0.66 25.29
CA MET B 393 6.58 0.51 24.48
C MET B 393 7.91 0.47 23.70
N GLY B 394 8.77 -0.46 24.01
CA GLY B 394 9.96 -0.57 23.21
C GLY B 394 9.58 -1.40 22.01
N ILE B 395 8.58 -2.26 22.23
CA ILE B 395 8.06 -3.14 21.21
C ILE B 395 7.35 -2.37 20.15
N VAL B 396 6.74 -1.28 20.57
CA VAL B 396 6.14 -0.37 19.60
C VAL B 396 7.21 0.41 18.87
N ASP B 397 8.08 1.04 19.65
CA ASP B 397 9.13 1.87 19.10
C ASP B 397 9.91 1.05 18.10
N ASN B 398 9.93 -0.27 18.32
CA ASN B 398 10.65 -1.13 17.41
C ASN B 398 9.99 -1.27 16.08
N GLU B 399 8.76 -1.77 16.08
CA GLU B 399 8.11 -1.97 14.81
C GLU B 399 7.84 -0.64 14.09
N LEU B 400 7.89 0.46 14.83
CA LEU B 400 7.82 1.73 14.14
C LEU B 400 9.05 1.88 13.28
N HIS B 401 10.17 1.39 13.77
CA HIS B 401 11.42 1.48 13.01
C HIS B 401 11.35 0.41 11.94
N GLU B 402 11.11 -0.80 12.39
CA GLU B 402 11.13 -1.96 11.54
C GLU B 402 10.17 -1.81 10.40
N LEU B 403 9.17 -0.95 10.58
CA LEU B 403 8.21 -0.68 9.54
C LEU B 403 8.66 0.48 8.71
N SER B 404 9.57 1.30 9.26
CA SER B 404 10.04 2.51 8.56
C SER B 404 10.94 2.17 7.37
N GLU B 405 11.81 1.18 7.57
CA GLU B 405 12.63 0.64 6.50
C GLU B 405 11.97 -0.53 5.79
N ALA B 406 10.65 -0.54 5.71
CA ALA B 406 9.96 -1.68 5.12
C ALA B 406 9.53 -1.47 3.66
N ASN B 407 9.85 -0.31 3.07
CA ASN B 407 9.44 -0.02 1.71
C ASN B 407 10.49 -0.52 0.73
N PRO B 408 10.10 -0.73 -0.52
CA PRO B 408 11.05 -1.29 -1.48
C PRO B 408 12.12 -0.30 -1.88
N LEU B 409 13.30 -0.83 -2.20
CA LEU B 409 14.45 0.00 -2.55
C LEU B 409 14.65 0.04 -4.05
N ASP B 410 15.11 1.17 -4.54
CA ASP B 410 15.36 1.41 -5.95
C ASP B 410 16.70 0.83 -6.34
N HIS B 411 16.71 -0.38 -6.85
CA HIS B 411 17.99 -0.98 -7.21
C HIS B 411 18.25 -0.80 -8.70
N PRO B 412 19.33 -0.08 -9.02
CA PRO B 412 19.66 0.26 -10.40
C PRO B 412 20.24 -0.97 -11.08
N GLN B 413 20.37 -0.98 -12.40
CA GLN B 413 21.03 -2.13 -13.00
C GLN B 413 22.49 -1.85 -13.27
N LEU B 414 23.26 -2.90 -13.06
CA LEU B 414 24.69 -2.91 -13.22
C LEU B 414 24.94 -3.49 -14.61
N PRO B 415 25.61 -2.74 -15.51
CA PRO B 415 25.72 -3.22 -16.89
C PRO B 415 26.67 -4.42 -17.09
N HIS B 416 26.76 -4.87 -18.36
CA HIS B 416 27.63 -5.97 -18.87
C HIS B 416 27.92 -7.17 -17.98
N TYR C 1 -24.96 -8.00 16.02
CA TYR C 1 -23.92 -7.79 15.04
C TYR C 1 -22.60 -7.37 15.67
N LEU C 2 -22.56 -7.23 16.99
CA LEU C 2 -21.32 -6.89 17.72
C LEU C 2 -20.54 -8.11 18.16
N SER C 3 -19.22 -8.04 18.28
CA SER C 3 -18.48 -9.20 18.82
C SER C 3 -17.75 -8.86 20.12
N ILE C 4 -17.68 -9.82 21.04
CA ILE C 4 -16.97 -9.63 22.32
C ILE C 4 -16.24 -10.87 22.84
N ALA C 5 -15.35 -10.67 23.80
CA ALA C 5 -14.74 -11.81 24.46
C ALA C 5 -15.43 -12.05 25.77
N PHE C 6 -16.02 -13.23 25.90
CA PHE C 6 -16.86 -13.56 27.03
C PHE C 6 -16.56 -14.97 27.55
N PRO C 7 -16.63 -15.17 28.86
CA PRO C 7 -16.37 -16.52 29.35
C PRO C 7 -17.34 -17.53 28.78
N GLU C 8 -16.83 -18.72 28.46
CA GLU C 8 -17.62 -19.73 27.78
C GLU C 8 -18.77 -20.30 28.63
N ASN C 9 -18.51 -20.57 29.91
CA ASN C 9 -19.56 -21.14 30.78
C ASN C 9 -20.60 -20.10 31.24
N THR C 10 -21.77 -20.57 31.70
CA THR C 10 -22.80 -19.62 32.12
C THR C 10 -22.68 -19.34 33.60
N LYS C 11 -21.83 -20.11 34.28
CA LYS C 11 -21.54 -19.89 35.70
C LYS C 11 -20.17 -20.49 36.06
N LEU C 12 -19.41 -19.80 36.90
CA LEU C 12 -18.12 -20.30 37.36
C LEU C 12 -17.97 -20.26 38.88
N ASP C 13 -17.02 -21.04 39.40
CA ASP C 13 -16.76 -21.03 40.83
C ASP C 13 -15.70 -19.96 41.16
N TRP C 14 -16.20 -18.92 41.83
CA TRP C 14 -15.48 -17.70 42.15
C TRP C 14 -14.79 -17.83 43.44
N LYS C 15 -13.59 -17.31 43.57
CA LYS C 15 -12.97 -17.34 44.90
C LYS C 15 -12.53 -15.94 45.26
N PRO C 16 -12.95 -15.47 46.46
CA PRO C 16 -12.57 -14.10 46.86
C PRO C 16 -11.07 -13.84 46.85
N VAL C 17 -10.69 -12.66 46.34
CA VAL C 17 -9.29 -12.22 46.26
C VAL C 17 -8.73 -11.48 47.49
N THR C 18 -7.61 -11.95 48.03
CA THR C 18 -6.97 -11.32 49.19
C THR C 18 -5.48 -11.37 49.02
N LYS C 19 -5.07 -11.74 47.82
CA LYS C 19 -3.69 -12.03 47.55
C LYS C 19 -2.78 -10.80 47.35
N ASN C 20 -3.34 -9.63 47.11
CA ASN C 20 -2.56 -8.42 46.77
C ASN C 20 -1.63 -8.70 45.57
N THR C 21 -2.19 -9.35 44.57
CA THR C 21 -1.49 -9.64 43.34
C THR C 21 -2.20 -8.98 42.21
N ARG C 22 -1.44 -8.43 41.29
CA ARG C 22 -2.01 -7.62 40.25
C ARG C 22 -1.98 -8.32 38.92
N TYR C 23 -2.81 -9.33 38.72
CA TYR C 23 -2.67 -10.21 37.57
C TYR C 23 -3.37 -9.59 36.37
N CYS C 24 -2.61 -8.78 35.63
CA CYS C 24 -3.07 -8.10 34.42
C CYS C 24 -2.59 -8.75 33.13
N PRO C 25 -3.48 -8.86 32.14
CA PRO C 25 -3.14 -9.43 30.83
C PRO C 25 -2.14 -8.56 30.07
N MET C 26 -1.01 -9.19 29.78
CA MET C 26 0.08 -8.54 29.08
C MET C 26 0.08 -9.02 27.63
N PRO C 34 6.86 -16.62 31.22
CA PRO C 34 7.00 -17.87 31.95
C PRO C 34 8.29 -18.62 31.55
N GLY C 35 8.27 -19.41 30.48
CA GLY C 35 9.47 -20.08 30.01
C GLY C 35 9.54 -20.15 28.50
N LEU C 36 8.88 -19.19 27.85
CA LEU C 36 8.89 -19.05 26.40
C LEU C 36 10.29 -18.89 25.90
N GLN C 37 10.50 -19.32 24.67
CA GLN C 37 11.75 -19.02 24.02
C GLN C 37 11.44 -18.65 22.59
N GLU C 38 12.16 -17.66 22.09
CA GLU C 38 11.93 -17.22 20.73
C GLU C 38 13.16 -17.45 19.86
N GLU C 39 12.93 -18.14 18.73
CA GLU C 39 13.91 -18.31 17.67
C GLU C 39 13.28 -17.83 16.36
N SER C 40 14.07 -17.08 15.60
CA SER C 40 13.65 -16.49 14.33
C SER C 40 14.34 -17.12 13.12
N PHE C 41 13.66 -17.26 11.99
CA PHE C 41 14.35 -17.72 10.79
C PHE C 41 14.16 -16.78 9.59
N LEU C 42 15.00 -16.85 8.56
CA LEU C 42 14.78 -15.96 7.41
C LEU C 42 13.88 -16.57 6.32
N SER C 43 12.96 -15.76 5.79
CA SER C 43 11.97 -16.28 4.85
C SER C 43 11.48 -15.27 3.86
N SER C 44 10.68 -15.75 2.93
CA SER C 44 10.32 -14.99 1.77
C SER C 44 8.89 -15.22 1.39
N THR C 45 8.18 -14.10 1.22
CA THR C 45 6.72 -14.03 0.99
C THR C 45 6.32 -13.23 -0.27
N PRO C 46 5.16 -13.58 -0.88
CA PRO C 46 4.70 -12.90 -2.11
C PRO C 46 4.14 -11.51 -1.86
N ILE C 47 4.45 -10.56 -2.72
CA ILE C 47 3.89 -9.24 -2.54
C ILE C 47 2.70 -9.02 -3.46
N GLY C 48 2.77 -9.61 -4.65
CA GLY C 48 1.65 -9.51 -5.56
C GLY C 48 2.07 -9.77 -6.98
N ALA C 49 1.09 -10.09 -7.83
CA ALA C 49 1.35 -10.50 -9.20
C ALA C 49 1.97 -9.39 -10.03
N THR C 50 3.00 -9.80 -10.75
CA THR C 50 3.73 -9.01 -11.73
C THR C 50 3.46 -9.61 -13.12
N PRO C 51 2.88 -8.81 -14.02
CA PRO C 51 2.48 -9.26 -15.34
C PRO C 51 3.63 -9.33 -16.35
N SER C 52 4.67 -8.50 -16.19
CA SER C 52 5.87 -8.60 -17.04
C SER C 52 6.55 -9.99 -16.91
N LYS C 53 6.19 -10.74 -15.88
CA LYS C 53 6.83 -12.00 -15.54
C LYS C 53 6.24 -13.14 -16.38
N SER C 54 5.05 -12.93 -16.93
CA SER C 54 4.39 -13.95 -17.72
C SER C 54 4.58 -13.76 -19.22
N ASP C 55 5.39 -12.77 -19.63
CA ASP C 55 5.66 -12.51 -21.04
C ASP C 55 6.34 -13.64 -21.79
N GLY C 56 6.11 -13.68 -23.10
CA GLY C 56 6.65 -14.76 -23.92
C GLY C 56 6.55 -14.46 -25.39
N PHE C 57 6.90 -15.45 -26.21
CA PHE C 57 7.00 -15.24 -27.65
C PHE C 57 6.47 -16.36 -28.50
N LEU C 58 5.90 -16.01 -29.64
CA LEU C 58 5.51 -17.02 -30.62
C LEU C 58 6.50 -17.20 -31.79
N CYS C 59 7.21 -18.32 -31.76
CA CYS C 59 8.07 -18.72 -32.86
C CYS C 59 7.30 -19.55 -33.89
N HIS C 60 7.27 -19.07 -35.12
CA HIS C 60 6.57 -19.77 -36.18
C HIS C 60 7.56 -19.94 -37.31
N ALA C 61 7.91 -21.20 -37.57
CA ALA C 61 8.86 -21.52 -38.63
C ALA C 61 8.06 -21.92 -39.86
N ALA C 62 8.57 -21.52 -41.01
CA ALA C 62 7.90 -21.81 -42.26
C ALA C 62 8.94 -21.81 -43.36
N LYS C 63 8.77 -22.67 -44.36
CA LYS C 63 9.64 -22.61 -45.53
C LYS C 63 8.95 -21.87 -46.68
N TRP C 64 9.56 -20.78 -47.14
CA TRP C 64 9.06 -20.02 -48.26
C TRP C 64 9.79 -20.49 -49.52
N VAL C 65 9.12 -21.30 -50.34
CA VAL C 65 9.75 -21.98 -51.46
C VAL C 65 9.52 -21.31 -52.81
N THR C 66 10.59 -21.20 -53.59
CA THR C 66 10.51 -20.80 -55.00
C THR C 66 10.93 -21.94 -55.94
N THR C 67 9.93 -22.56 -56.57
CA THR C 67 10.15 -23.71 -57.45
C THR C 67 10.33 -23.27 -58.90
N CYS C 68 11.31 -23.86 -59.59
CA CYS C 68 11.52 -23.61 -61.01
C CYS C 68 11.23 -24.85 -61.86
N ASP C 69 10.05 -24.88 -62.48
CA ASP C 69 9.66 -25.99 -63.35
C ASP C 69 9.97 -25.69 -64.81
N PHE C 70 10.75 -26.56 -65.42
CA PHE C 70 11.15 -26.38 -66.81
C PHE C 70 11.24 -27.73 -67.52
N ARG C 71 10.28 -28.00 -68.39
CA ARG C 71 10.19 -29.29 -69.08
C ARG C 71 10.72 -29.17 -70.50
N TRP C 72 10.39 -30.15 -71.36
CA TRP C 72 10.82 -30.21 -72.77
C TRP C 72 11.02 -28.83 -73.44
N TYR C 73 10.03 -27.96 -73.29
CA TYR C 73 10.03 -26.61 -73.88
C TYR C 73 9.08 -25.66 -73.15
N GLY C 74 8.85 -24.48 -73.72
CA GLY C 74 7.91 -23.53 -73.15
C GLY C 74 8.57 -22.55 -72.20
N PRO C 75 7.81 -21.52 -71.76
CA PRO C 75 8.31 -20.45 -70.88
C PRO C 75 8.81 -20.95 -69.52
N LYS C 76 9.37 -20.05 -68.74
CA LYS C 76 9.85 -20.37 -67.40
C LYS C 76 8.72 -20.33 -66.36
N TYR C 77 8.16 -21.49 -66.02
CA TYR C 77 7.06 -21.56 -65.07
C TYR C 77 7.57 -21.52 -63.64
N ILE C 78 7.21 -20.44 -62.92
CA ILE C 78 7.63 -20.22 -61.54
C ILE C 78 6.45 -20.00 -60.59
N THR C 79 6.49 -20.73 -59.47
CA THR C 79 5.41 -20.71 -58.48
C THR C 79 5.93 -20.35 -57.07
N HIS C 80 5.05 -19.89 -56.18
CA HIS C 80 5.44 -19.52 -54.81
C HIS C 80 4.59 -20.22 -53.74
N SER C 81 5.22 -20.97 -52.83
CA SER C 81 4.47 -21.64 -51.77
C SER C 81 5.03 -21.41 -50.35
N ILE C 82 4.23 -21.74 -49.33
CA ILE C 82 4.67 -21.64 -47.94
C ILE C 82 4.25 -22.84 -47.12
N HIS C 83 5.25 -23.56 -46.61
CA HIS C 83 5.03 -24.78 -45.86
C HIS C 83 5.26 -24.56 -44.37
N ASN C 84 4.17 -24.54 -43.61
CA ASN C 84 4.25 -24.37 -42.17
C ASN C 84 4.98 -25.56 -41.56
N ILE C 85 6.10 -25.29 -40.92
CA ILE C 85 6.88 -26.33 -40.26
C ILE C 85 7.13 -26.03 -38.79
N LYS C 86 7.36 -27.07 -37.99
CA LYS C 86 7.68 -26.92 -36.58
C LYS C 86 9.19 -26.65 -36.41
N PRO C 87 9.54 -25.59 -35.68
CA PRO C 87 10.94 -25.16 -35.44
C PRO C 87 11.68 -26.01 -34.42
N THR C 88 13.01 -26.00 -34.47
CA THR C 88 13.76 -26.70 -33.44
C THR C 88 14.00 -25.72 -32.30
N ARG C 89 14.32 -26.26 -31.13
CA ARG C 89 14.58 -25.45 -29.95
C ARG C 89 15.67 -24.46 -30.30
N SER C 90 16.75 -24.97 -30.89
CA SER C 90 17.91 -24.17 -31.24
C SER C 90 17.63 -23.22 -32.42
N ASP C 91 16.62 -23.53 -33.24
CA ASP C 91 16.25 -22.64 -34.35
C ASP C 91 15.55 -21.37 -33.90
N CYS C 92 14.66 -21.51 -32.91
CA CYS C 92 13.92 -20.36 -32.43
C CYS C 92 14.87 -19.40 -31.74
N ASP C 93 15.75 -19.93 -30.89
CA ASP C 93 16.70 -19.11 -30.14
C ASP C 93 17.44 -18.16 -31.07
N THR C 94 17.62 -18.61 -32.31
CA THR C 94 18.31 -17.82 -33.32
C THR C 94 17.47 -16.59 -33.60
N ALA C 95 16.20 -16.79 -33.86
CA ALA C 95 15.31 -15.68 -34.16
C ALA C 95 14.89 -14.88 -32.92
N LEU C 96 15.03 -15.48 -31.74
CA LEU C 96 14.59 -14.82 -30.51
C LEU C 96 15.54 -13.70 -30.09
N ALA C 97 16.82 -14.00 -29.95
CA ALA C 97 17.78 -12.94 -29.62
C ALA C 97 17.91 -12.02 -30.85
N SER C 98 17.52 -12.54 -32.02
CA SER C 98 17.51 -11.74 -33.23
C SER C 98 16.31 -10.81 -33.19
N TYR C 99 15.25 -11.26 -32.56
CA TYR C 99 14.08 -10.43 -32.38
C TYR C 99 14.39 -9.33 -31.37
N LYS C 100 15.02 -9.72 -30.26
CA LYS C 100 15.36 -8.81 -29.17
C LYS C 100 16.34 -7.70 -29.59
N SER C 101 16.92 -7.87 -30.76
CA SER C 101 17.92 -6.95 -31.28
C SER C 101 17.44 -6.18 -32.52
N GLY C 102 16.20 -6.47 -32.94
CA GLY C 102 15.54 -5.78 -34.04
C GLY C 102 16.06 -6.22 -35.39
N THR C 103 16.79 -7.33 -35.36
CA THR C 103 17.46 -7.86 -36.54
C THR C 103 16.66 -8.97 -37.19
N LEU C 104 15.58 -9.40 -36.56
CA LEU C 104 14.76 -10.43 -37.18
C LEU C 104 14.09 -9.85 -38.41
N VAL C 105 14.14 -10.59 -39.52
CA VAL C 105 13.61 -10.15 -40.83
C VAL C 105 12.83 -11.26 -41.53
N SER C 106 11.73 -10.89 -42.19
CA SER C 106 11.01 -11.82 -43.05
C SER C 106 11.52 -11.55 -44.47
N LEU C 107 12.49 -12.35 -44.91
CA LEU C 107 13.22 -12.09 -46.15
C LEU C 107 12.34 -12.28 -47.37
N GLY C 108 11.22 -12.99 -47.19
CA GLY C 108 10.29 -13.16 -48.27
C GLY C 108 10.64 -14.36 -49.10
N PHE C 109 10.31 -14.31 -50.39
CA PHE C 109 10.57 -15.43 -51.28
C PHE C 109 11.95 -15.33 -51.92
N PRO C 110 12.61 -16.49 -52.08
CA PRO C 110 13.94 -16.66 -52.65
C PRO C 110 14.06 -16.22 -54.09
N PRO C 111 15.29 -15.90 -54.52
CA PRO C 111 15.58 -15.70 -55.94
C PRO C 111 15.38 -17.00 -56.73
N GLU C 112 15.25 -16.91 -58.04
CA GLU C 112 14.92 -18.07 -58.86
C GLU C 112 16.11 -18.87 -59.40
N SER C 113 16.14 -20.16 -59.08
CA SER C 113 17.17 -21.07 -59.56
C SER C 113 16.59 -22.09 -60.54
N CYS C 114 16.78 -21.84 -61.84
CA CYS C 114 16.14 -22.65 -62.88
C CYS C 114 17.11 -23.53 -63.68
N GLY C 115 16.59 -24.61 -64.26
CA GLY C 115 17.37 -25.55 -65.03
C GLY C 115 16.52 -26.39 -65.97
N TYR C 116 17.10 -27.42 -66.56
CA TYR C 116 16.46 -28.21 -67.63
C TYR C 116 16.20 -29.68 -67.25
N ALA C 117 15.05 -30.20 -67.68
CA ALA C 117 14.66 -31.61 -67.53
C ALA C 117 14.55 -32.08 -66.07
N SER C 118 14.32 -31.15 -65.15
CA SER C 118 14.09 -31.48 -63.74
C SER C 118 13.46 -30.31 -62.98
N VAL C 119 12.47 -30.61 -62.13
CA VAL C 119 11.81 -29.60 -61.30
C VAL C 119 12.50 -29.41 -59.94
N THR C 120 13.20 -28.28 -59.80
CA THR C 120 13.96 -27.99 -58.59
C THR C 120 13.52 -26.66 -57.98
N ASP C 121 13.75 -26.49 -56.68
CA ASP C 121 13.27 -25.31 -55.96
C ASP C 121 14.29 -24.71 -54.98
N SER C 122 14.14 -23.41 -54.71
CA SER C 122 14.98 -22.73 -53.72
C SER C 122 14.09 -22.13 -52.63
N GLU C 123 14.45 -22.36 -51.37
CA GLU C 123 13.61 -22.00 -50.25
C GLU C 123 14.35 -21.22 -49.15
N PHE C 124 13.64 -20.30 -48.49
CA PHE C 124 14.14 -19.57 -47.32
C PHE C 124 13.46 -20.02 -46.03
N LEU C 125 14.23 -20.13 -44.94
CA LEU C 125 13.64 -20.48 -43.65
C LEU C 125 13.29 -19.20 -42.89
N VAL C 126 12.04 -18.81 -42.97
CA VAL C 126 11.58 -17.60 -42.34
C VAL C 126 10.92 -17.97 -41.03
N ILE C 127 11.51 -17.43 -39.96
CA ILE C 127 11.00 -17.59 -38.62
C ILE C 127 10.28 -16.31 -38.18
N MET C 128 9.09 -16.45 -37.61
CA MET C 128 8.34 -15.29 -37.19
C MET C 128 8.23 -15.26 -35.68
N ILE C 129 8.56 -14.12 -35.09
CA ILE C 129 8.42 -13.96 -33.66
C ILE C 129 7.29 -13.00 -33.33
N THR C 130 6.20 -13.57 -32.84
CA THR C 130 5.07 -12.75 -32.44
C THR C 130 5.02 -12.75 -30.91
N PRO C 131 5.04 -11.55 -30.29
CA PRO C 131 4.95 -11.48 -28.84
C PRO C 131 3.57 -11.94 -28.41
N HIS C 132 3.49 -12.73 -27.35
CA HIS C 132 2.24 -13.33 -26.86
C HIS C 132 2.26 -13.48 -25.34
N HIS C 133 1.35 -12.78 -24.66
CA HIS C 133 1.28 -12.84 -23.21
C HIS C 133 0.37 -14.00 -22.82
N VAL C 134 0.82 -14.75 -21.80
CA VAL C 134 0.14 -15.94 -21.27
C VAL C 134 -0.27 -15.84 -19.79
N GLY C 135 -0.91 -16.89 -19.29
CA GLY C 135 -1.32 -16.95 -17.91
C GLY C 135 -0.41 -17.79 -17.02
N VAL C 136 -0.60 -17.68 -15.69
CA VAL C 136 0.19 -18.44 -14.73
C VAL C 136 -0.69 -19.12 -13.67
N ASP C 137 -0.28 -20.32 -13.29
CA ASP C 137 -0.86 -21.07 -12.17
C ASP C 137 0.22 -21.19 -11.11
N ASP C 138 0.25 -20.27 -10.16
CA ASP C 138 1.33 -20.26 -9.18
C ASP C 138 1.29 -21.50 -8.30
N TYR C 139 0.09 -22.07 -8.14
CA TYR C 139 -0.08 -23.21 -7.29
C TYR C 139 0.41 -24.49 -7.93
N ARG C 140 -0.10 -24.81 -9.12
CA ARG C 140 0.21 -26.10 -9.71
C ARG C 140 1.55 -25.99 -10.42
N GLY C 141 2.03 -24.75 -10.50
CA GLY C 141 3.35 -24.37 -11.00
C GLY C 141 3.59 -24.47 -12.50
N HIS C 142 2.58 -24.16 -13.30
CA HIS C 142 2.77 -24.14 -14.74
C HIS C 142 1.92 -23.07 -15.42
N TRP C 143 2.34 -22.71 -16.64
CA TRP C 143 1.69 -21.65 -17.42
C TRP C 143 0.29 -22.09 -17.84
N VAL C 144 -0.54 -21.15 -18.26
CA VAL C 144 -1.87 -21.51 -18.71
C VAL C 144 -2.34 -20.59 -19.85
N ASP C 145 -2.80 -21.24 -20.92
CA ASP C 145 -3.26 -20.59 -22.14
C ASP C 145 -4.10 -21.58 -22.93
N PRO C 146 -5.09 -21.10 -23.72
CA PRO C 146 -5.82 -22.04 -24.59
C PRO C 146 -4.97 -22.52 -25.78
N LEU C 147 -3.99 -21.72 -26.22
CA LEU C 147 -3.14 -22.10 -27.34
C LEU C 147 -2.21 -23.26 -27.04
N PHE C 148 -2.00 -23.55 -25.76
CA PHE C 148 -1.11 -24.63 -25.36
C PHE C 148 -1.78 -25.97 -25.61
N VAL C 149 -0.97 -27.00 -25.74
CA VAL C 149 -1.51 -28.34 -25.87
C VAL C 149 -2.14 -28.73 -24.56
N GLY C 150 -3.46 -28.92 -24.56
CA GLY C 150 -4.14 -29.27 -23.34
C GLY C 150 -4.46 -28.06 -22.50
N GLY C 151 -3.89 -26.93 -22.89
CA GLY C 151 -4.13 -25.69 -22.20
C GLY C 151 -3.08 -25.30 -21.18
N GLU C 152 -1.96 -26.02 -21.16
CA GLU C 152 -0.93 -25.77 -20.16
C GLU C 152 0.40 -26.34 -20.56
N CYS C 153 1.46 -25.86 -19.92
CA CYS C 153 2.82 -26.35 -20.18
C CYS C 153 3.77 -25.93 -19.07
N ASP C 154 4.80 -26.74 -18.83
CA ASP C 154 5.74 -26.45 -17.75
C ASP C 154 7.20 -26.38 -18.21
N GLN C 155 7.43 -26.17 -19.51
CA GLN C 155 8.81 -26.09 -19.99
C GLN C 155 9.11 -24.73 -20.62
N SER C 156 10.37 -24.45 -20.91
CA SER C 156 10.70 -23.18 -21.54
C SER C 156 10.43 -23.24 -23.04
N TYR C 157 10.18 -24.44 -23.56
CA TYR C 157 9.89 -24.62 -24.99
C TYR C 157 8.55 -25.37 -25.12
N CYS C 158 7.46 -24.60 -25.16
CA CYS C 158 6.11 -25.16 -25.10
C CYS C 158 5.43 -25.44 -26.45
N ASP C 159 4.87 -26.64 -26.60
CA ASP C 159 4.14 -27.00 -27.82
C ASP C 159 2.77 -26.35 -27.86
N THR C 160 2.27 -26.06 -29.06
CA THR C 160 0.94 -25.48 -29.16
C THR C 160 -0.01 -26.38 -29.96
N ILE C 161 -1.27 -25.97 -30.11
CA ILE C 161 -2.23 -26.75 -30.89
C ILE C 161 -1.83 -26.76 -32.35
N HIS C 162 -1.37 -25.60 -32.82
CA HIS C 162 -0.89 -25.41 -34.18
C HIS C 162 0.50 -26.01 -34.37
N ASN C 163 0.59 -26.91 -35.33
CA ASN C 163 1.76 -27.76 -35.51
C ASN C 163 3.05 -26.97 -35.75
N SER C 164 2.90 -25.74 -36.25
CA SER C 164 4.02 -24.89 -36.71
C SER C 164 4.34 -23.72 -35.76
N SER C 165 3.78 -23.76 -34.55
CA SER C 165 4.05 -22.74 -33.57
C SER C 165 4.46 -23.31 -32.20
N VAL C 166 5.46 -22.71 -31.58
CA VAL C 166 5.78 -23.01 -30.18
C VAL C 166 5.87 -21.70 -29.40
N TRP C 167 5.69 -21.79 -28.09
CA TRP C 167 5.74 -20.61 -27.25
C TRP C 167 6.96 -20.63 -26.33
N ILE C 168 7.70 -19.53 -26.33
CA ILE C 168 8.88 -19.37 -25.50
C ILE C 168 8.72 -18.15 -24.58
N PRO C 169 8.96 -18.32 -23.27
CA PRO C 169 8.92 -17.24 -22.27
C PRO C 169 10.16 -16.34 -22.31
N ALA C 170 10.00 -15.05 -22.04
CA ALA C 170 11.06 -14.05 -22.14
C ALA C 170 12.37 -14.42 -21.46
N ASP C 171 12.28 -15.08 -20.32
CA ASP C 171 13.47 -15.50 -19.60
C ASP C 171 13.48 -17.02 -19.38
N GLN C 172 14.37 -17.76 -20.04
CA GLN C 172 14.33 -19.22 -19.91
C GLN C 172 14.83 -19.72 -18.56
N THR C 173 15.52 -18.89 -17.81
CA THR C 173 16.06 -19.32 -16.53
C THR C 173 14.95 -19.41 -15.45
N LYS C 174 14.09 -20.43 -15.54
CA LYS C 174 12.88 -20.54 -14.71
C LYS C 174 13.05 -20.99 -13.24
N LYS C 175 12.66 -20.12 -12.30
CA LYS C 175 12.77 -20.42 -10.87
C LYS C 175 11.66 -21.35 -10.41
N ASN C 176 10.89 -21.81 -11.38
CA ASN C 176 9.77 -22.76 -11.25
C ASN C 176 8.53 -21.97 -11.65
N ILE C 177 8.75 -21.04 -12.58
CA ILE C 177 7.73 -20.17 -13.18
C ILE C 177 6.66 -19.62 -12.21
N CYS C 178 6.87 -18.39 -11.78
CA CYS C 178 6.03 -17.83 -10.75
C CYS C 178 5.51 -16.50 -11.24
N GLY C 179 4.22 -16.28 -11.09
CA GLY C 179 3.58 -15.05 -11.55
C GLY C 179 3.92 -13.86 -10.66
N GLN C 180 3.81 -14.02 -9.35
CA GLN C 180 4.13 -12.91 -8.45
C GLN C 180 5.56 -12.90 -7.92
N SER C 181 6.04 -11.69 -7.62
CA SER C 181 7.36 -11.50 -7.02
C SER C 181 7.30 -11.47 -5.48
N PHE C 182 8.43 -11.75 -4.83
CA PHE C 182 8.51 -11.98 -3.39
C PHE C 182 9.43 -11.02 -2.66
N THR C 183 9.40 -11.07 -1.34
CA THR C 183 10.29 -10.22 -0.56
C THR C 183 10.95 -10.92 0.63
N PRO C 184 12.10 -10.40 1.08
CA PRO C 184 12.55 -11.01 2.32
C PRO C 184 11.69 -10.54 3.49
N LEU C 185 11.71 -11.37 4.53
CA LEU C 185 10.90 -11.25 5.72
C LEU C 185 11.51 -12.09 6.84
N THR C 186 11.49 -11.57 8.05
CA THR C 186 12.01 -12.30 9.22
C THR C 186 10.91 -12.76 10.14
N VAL C 187 10.70 -14.07 10.11
CA VAL C 187 9.64 -14.74 10.82
C VAL C 187 10.13 -15.27 12.17
N THR C 188 9.49 -14.86 13.28
CA THR C 188 9.83 -15.39 14.60
C THR C 188 8.91 -16.52 15.05
N VAL C 189 9.49 -17.51 15.74
CA VAL C 189 8.73 -18.63 16.26
C VAL C 189 8.79 -18.59 17.77
N ALA C 190 7.62 -18.57 18.38
CA ALA C 190 7.48 -18.61 19.83
C ALA C 190 6.94 -19.97 20.26
N TYR C 191 7.59 -20.59 21.23
CA TYR C 191 7.17 -21.90 21.71
C TYR C 191 7.51 -22.12 23.18
N ASP C 192 6.95 -23.18 23.78
CA ASP C 192 7.30 -23.50 25.14
C ASP C 192 8.59 -24.22 25.14
N LYS C 193 9.60 -23.68 25.80
CA LYS C 193 10.91 -24.33 25.80
C LYS C 193 10.83 -25.66 26.50
N THR C 194 9.89 -25.72 27.43
CA THR C 194 9.71 -26.81 28.36
C THR C 194 9.14 -28.05 27.68
N LYS C 195 8.01 -27.87 27.00
CA LYS C 195 7.32 -28.97 26.37
C LYS C 195 7.98 -29.39 25.04
N GLU C 196 7.68 -30.60 24.60
CA GLU C 196 8.08 -31.02 23.28
C GLU C 196 7.48 -30.00 22.30
N ILE C 197 8.25 -29.60 21.30
CA ILE C 197 7.78 -28.72 20.22
C ILE C 197 6.67 -29.38 19.41
N ALA C 198 5.62 -28.64 19.08
CA ALA C 198 4.54 -29.26 18.31
C ALA C 198 3.75 -28.21 17.53
N ALA C 199 3.05 -28.63 16.48
CA ALA C 199 2.40 -27.67 15.59
C ALA C 199 1.47 -26.73 16.36
N GLY C 200 0.88 -27.24 17.42
CA GLY C 200 -0.07 -26.47 18.18
C GLY C 200 0.62 -25.43 19.03
N GLY C 201 1.65 -25.81 19.75
CA GLY C 201 2.31 -24.92 20.69
C GLY C 201 3.14 -23.81 20.13
N ILE C 202 3.07 -23.61 18.80
CA ILE C 202 3.87 -22.58 18.11
C ILE C 202 3.05 -21.36 17.66
N VAL C 203 3.54 -20.16 17.95
CA VAL C 203 2.91 -18.92 17.50
C VAL C 203 3.85 -18.13 16.61
N PHE C 204 3.39 -17.77 15.40
CA PHE C 204 4.24 -17.10 14.42
C PHE C 204 4.09 -15.60 14.44
N LYS C 205 5.21 -14.91 14.48
CA LYS C 205 5.19 -13.47 14.52
C LYS C 205 6.03 -12.94 13.37
N SER C 206 5.73 -11.75 12.84
CA SER C 206 6.74 -10.99 12.08
C SER C 206 6.29 -9.55 12.16
N LYS C 207 6.89 -8.68 11.36
CA LYS C 207 6.53 -7.28 11.42
C LYS C 207 5.23 -7.05 10.68
N TYR C 208 4.75 -8.07 10.00
CA TYR C 208 3.47 -7.98 9.33
C TYR C 208 2.47 -8.92 9.95
N HIS C 209 2.94 -9.73 10.89
CA HIS C 209 2.11 -10.76 11.53
C HIS C 209 2.28 -10.62 13.01
N SER C 210 1.24 -10.18 13.70
CA SER C 210 1.29 -10.16 15.15
C SER C 210 0.57 -11.42 15.54
N HIS C 211 1.16 -12.23 16.42
CA HIS C 211 0.50 -13.44 16.96
C HIS C 211 -0.37 -14.27 15.96
N MET C 212 0.27 -15.00 15.08
CA MET C 212 -0.38 -15.97 14.18
C MET C 212 -0.36 -17.37 14.81
N GLU C 213 -1.52 -18.00 14.92
CA GLU C 213 -1.58 -19.28 15.61
C GLU C 213 -1.02 -20.40 14.73
N GLY C 214 -0.06 -21.13 15.25
CA GLY C 214 0.59 -22.14 14.45
C GLY C 214 -0.31 -23.33 14.21
N ALA C 215 -1.33 -23.48 15.05
CA ALA C 215 -2.25 -24.61 14.95
C ALA C 215 -3.13 -24.55 13.69
N ARG C 216 -3.40 -23.35 13.19
CA ARG C 216 -4.19 -23.20 11.95
C ARG C 216 -3.32 -22.90 10.75
N THR C 217 -2.01 -23.03 10.94
CA THR C 217 -1.07 -22.94 9.85
C THR C 217 -0.92 -24.31 9.20
N CYS C 218 -0.84 -24.34 7.89
CA CYS C 218 -0.62 -25.62 7.22
C CYS C 218 0.44 -25.53 6.10
N ARG C 219 1.22 -26.60 5.89
CA ARG C 219 2.22 -26.61 4.81
C ARG C 219 1.57 -26.49 3.44
N LEU C 220 2.08 -25.56 2.63
CA LEU C 220 1.61 -25.32 1.28
C LEU C 220 2.77 -25.11 0.35
N SER C 221 2.78 -25.80 -0.78
CA SER C 221 3.79 -25.51 -1.79
C SER C 221 3.30 -24.47 -2.81
N TYR C 222 4.09 -23.44 -3.00
CA TYR C 222 3.67 -22.27 -3.75
C TYR C 222 4.80 -21.70 -4.58
N CYS C 223 4.59 -21.63 -5.89
CA CYS C 223 5.60 -21.13 -6.82
C CYS C 223 6.93 -21.86 -6.64
N GLY C 224 6.80 -23.16 -6.38
CA GLY C 224 7.93 -24.04 -6.24
C GLY C 224 8.71 -23.94 -4.95
N ARG C 225 8.15 -23.35 -3.92
CA ARG C 225 8.85 -23.40 -2.65
C ARG C 225 7.93 -23.90 -1.60
N ASN C 226 8.38 -24.93 -0.91
CA ASN C 226 7.61 -25.43 0.20
C ASN C 226 7.53 -24.34 1.25
N GLY C 227 6.45 -24.35 2.03
CA GLY C 227 6.24 -23.28 2.98
C GLY C 227 4.99 -23.45 3.79
N ILE C 228 4.65 -22.42 4.55
CA ILE C 228 3.51 -22.52 5.43
C ILE C 228 2.51 -21.40 5.17
N LYS C 229 1.23 -21.77 5.09
CA LYS C 229 0.15 -20.82 4.89
C LYS C 229 -0.46 -20.46 6.24
N PHE C 230 -0.34 -19.19 6.62
CA PHE C 230 -0.91 -18.71 7.86
C PHE C 230 -2.44 -18.78 7.83
N PRO C 231 -3.10 -18.68 9.02
CA PRO C 231 -4.58 -18.68 9.11
C PRO C 231 -5.31 -17.65 8.22
N ASN C 232 -4.71 -16.49 8.00
CA ASN C 232 -5.40 -15.43 7.30
C ASN C 232 -5.17 -15.47 5.80
N GLY C 233 -4.55 -16.55 5.33
CA GLY C 233 -4.38 -16.74 3.91
C GLY C 233 -2.98 -16.31 3.47
N GLU C 234 -2.30 -15.51 4.29
CA GLU C 234 -0.92 -15.15 4.00
C GLU C 234 0.06 -16.34 4.15
N TRP C 235 1.19 -16.26 3.44
CA TRP C 235 2.11 -17.39 3.25
C TRP C 235 3.57 -16.93 3.27
N VAL C 236 4.45 -17.73 3.87
CA VAL C 236 5.91 -17.50 3.81
C VAL C 236 6.71 -18.76 3.39
N SER C 237 7.85 -18.60 2.72
CA SER C 237 8.63 -19.77 2.26
C SER C 237 9.41 -20.38 3.43
N LEU C 238 9.37 -21.70 3.54
CA LEU C 238 9.98 -22.39 4.67
C LEU C 238 10.47 -23.76 4.24
N ASP C 239 11.74 -24.06 4.51
CA ASP C 239 12.29 -25.34 4.07
C ASP C 239 12.48 -26.35 5.19
N VAL C 240 12.84 -27.57 4.79
CA VAL C 240 12.91 -28.67 5.74
C VAL C 240 14.21 -28.56 6.48
N LYS C 241 15.07 -27.70 5.97
CA LYS C 241 16.39 -27.52 6.55
C LYS C 241 16.27 -26.73 7.86
N THR C 242 15.36 -25.77 7.91
CA THR C 242 15.23 -24.94 9.10
C THR C 242 14.73 -25.74 10.28
N ARG C 243 15.55 -25.80 11.32
CA ARG C 243 15.27 -26.57 12.52
C ARG C 243 14.95 -25.64 13.71
N ILE C 244 13.91 -25.98 14.47
CA ILE C 244 13.55 -25.25 15.69
C ILE C 244 13.50 -26.20 16.90
N GLN C 245 14.15 -25.83 18.00
CA GLN C 245 14.32 -26.72 19.16
C GLN C 245 14.99 -28.00 18.66
N GLU C 246 16.00 -27.78 17.82
CA GLU C 246 16.82 -28.76 17.11
C GLU C 246 16.04 -29.79 16.28
N LYS C 247 14.78 -29.47 15.97
CA LYS C 247 13.93 -30.31 15.14
C LYS C 247 13.43 -29.57 13.90
N HIS C 248 13.33 -30.31 12.80
CA HIS C 248 12.76 -29.84 11.54
C HIS C 248 11.47 -29.09 11.80
N LEU C 249 11.30 -27.90 11.26
CA LEU C 249 10.08 -27.16 11.58
C LEU C 249 8.96 -27.44 10.57
N LEU C 250 9.30 -27.32 9.28
CA LEU C 250 8.33 -27.48 8.20
C LEU C 250 7.45 -28.74 8.31
N PRO C 251 8.03 -29.90 8.67
CA PRO C 251 7.21 -31.12 8.79
C PRO C 251 6.18 -31.12 9.93
N LEU C 252 6.31 -30.27 10.95
CA LEU C 252 5.38 -30.28 12.08
C LEU C 252 3.94 -30.02 11.69
N PHE C 253 3.74 -29.47 10.48
CA PHE C 253 2.44 -28.96 10.00
C PHE C 253 1.76 -29.79 8.93
N LYS C 254 0.46 -29.96 9.10
CA LYS C 254 -0.37 -30.72 8.20
C LYS C 254 -0.31 -30.15 6.77
N GLU C 255 -0.75 -30.93 5.79
CA GLU C 255 -0.82 -30.42 4.42
C GLU C 255 -2.14 -29.71 4.26
N CYS C 256 -2.14 -28.63 3.48
CA CYS C 256 -3.35 -27.82 3.28
C CYS C 256 -4.37 -28.50 2.34
N PRO C 257 -5.67 -28.25 2.56
CA PRO C 257 -6.75 -28.82 1.74
C PRO C 257 -6.59 -28.53 0.24
N ALA C 258 -7.21 -29.35 -0.60
CA ALA C 258 -7.10 -29.15 -2.05
C ALA C 258 -7.69 -27.80 -2.44
N GLY C 259 -7.16 -27.23 -3.51
CA GLY C 259 -7.64 -25.94 -3.99
C GLY C 259 -7.50 -24.77 -3.02
N THR C 260 -6.58 -24.88 -2.06
CA THR C 260 -6.33 -23.78 -1.12
C THR C 260 -5.55 -22.65 -1.83
N GLU C 261 -6.01 -21.43 -1.67
CA GLU C 261 -5.35 -20.32 -2.30
C GLU C 261 -4.75 -19.37 -1.24
N VAL C 262 -3.78 -18.57 -1.66
CA VAL C 262 -2.99 -17.71 -0.77
C VAL C 262 -3.23 -16.27 -1.09
N ARG C 263 -3.26 -15.37 -0.12
CA ARG C 263 -3.26 -13.95 -0.45
C ARG C 263 -1.87 -13.37 -0.19
N SER C 264 -1.52 -12.32 -0.93
CA SER C 264 -0.21 -11.67 -0.79
C SER C 264 -0.06 -10.93 0.51
N THR C 265 1.16 -10.53 0.90
CA THR C 265 1.30 -9.76 2.17
C THR C 265 1.83 -8.32 1.92
N LEU C 266 0.96 -7.32 1.99
CA LEU C 266 1.34 -5.92 1.75
C LEU C 266 1.94 -5.19 2.98
N GLN C 267 2.48 -3.99 2.80
CA GLN C 267 3.00 -3.19 3.92
C GLN C 267 1.81 -2.62 4.72
N SER C 268 0.63 -2.66 4.10
CA SER C 268 -0.57 -2.18 4.75
C SER C 268 -0.86 -3.03 6.00
N ASP C 269 -0.21 -4.20 6.08
CA ASP C 269 -0.36 -5.13 7.18
C ASP C 269 0.20 -4.62 8.45
N GLY C 270 1.28 -3.86 8.35
CA GLY C 270 1.98 -3.36 9.51
C GLY C 270 1.04 -2.56 10.37
N ALA C 271 0.04 -2.01 9.70
CA ALA C 271 -0.96 -1.19 10.34
C ALA C 271 -1.72 -1.98 11.37
N GLN C 272 -1.87 -3.29 11.19
CA GLN C 272 -2.57 -4.12 12.17
C GLN C 272 -1.70 -4.40 13.39
N VAL C 273 -0.50 -4.92 13.15
CA VAL C 273 0.46 -5.36 14.17
C VAL C 273 0.71 -4.23 15.15
N LEU C 274 0.54 -3.01 14.65
CA LEU C 274 0.67 -1.80 15.41
C LEU C 274 -0.48 -1.51 16.36
N THR C 275 -1.71 -1.53 15.89
CA THR C 275 -2.75 -1.11 16.83
C THR C 275 -2.97 -2.20 17.90
N SER C 276 -2.58 -3.44 17.59
CA SER C 276 -2.74 -4.51 18.54
C SER C 276 -1.72 -4.32 19.64
N GLU C 277 -0.52 -3.87 19.29
CA GLU C 277 0.51 -3.63 20.30
C GLU C 277 0.12 -2.47 21.16
N ILE C 278 -0.58 -1.49 20.61
CA ILE C 278 -1.02 -0.37 21.44
C ILE C 278 -2.15 -0.81 22.35
N GLN C 279 -3.02 -1.69 21.84
CA GLN C 279 -4.16 -2.07 22.64
C GLN C 279 -3.67 -2.72 23.91
N ARG C 280 -2.81 -3.73 23.74
CA ARG C 280 -2.36 -4.52 24.87
C ARG C 280 -1.58 -3.64 25.82
N ILE C 281 -1.07 -2.51 25.32
CA ILE C 281 -0.30 -1.58 26.16
C ILE C 281 -1.21 -0.75 27.01
N LEU C 282 -2.29 -0.31 26.37
CA LEU C 282 -3.33 0.46 27.04
C LEU C 282 -4.04 -0.39 28.08
N ASP C 283 -4.45 -1.60 27.68
CA ASP C 283 -5.20 -2.45 28.58
C ASP C 283 -4.49 -2.69 29.85
N TYR C 284 -3.22 -3.02 29.71
CA TYR C 284 -2.42 -3.32 30.87
C TYR C 284 -2.39 -2.06 31.73
N SER C 285 -2.12 -0.92 31.13
CA SER C 285 -1.94 0.28 31.93
C SER C 285 -3.21 0.69 32.62
N LEU C 286 -4.34 0.29 32.03
CA LEU C 286 -5.67 0.63 32.53
C LEU C 286 -6.10 -0.29 33.67
N CYS C 287 -5.73 -1.55 33.52
CA CYS C 287 -6.03 -2.53 34.55
C CYS C 287 -5.20 -2.31 35.81
N GLN C 288 -3.94 -1.91 35.64
CA GLN C 288 -3.05 -1.54 36.75
C GLN C 288 -3.59 -0.34 37.45
N ASN C 289 -4.10 0.53 36.60
CA ASN C 289 -4.72 1.76 36.99
C ASN C 289 -5.96 1.44 37.86
N THR C 290 -6.45 0.20 37.73
CA THR C 290 -7.59 -0.32 38.54
C THR C 290 -7.19 -0.91 39.85
N TRP C 291 -6.06 -1.62 39.85
CA TRP C 291 -5.52 -2.27 41.05
C TRP C 291 -5.22 -1.17 41.97
N ASP C 292 -4.74 -0.06 41.42
CA ASP C 292 -4.46 1.12 42.20
C ASP C 292 -5.67 1.60 42.92
N LYS C 293 -6.82 1.48 42.25
CA LYS C 293 -8.11 1.93 42.79
C LYS C 293 -8.44 1.05 43.97
N VAL C 294 -8.34 -0.26 43.78
CA VAL C 294 -8.52 -1.23 44.88
C VAL C 294 -7.56 -0.97 46.05
N GLU C 295 -6.33 -0.59 45.75
CA GLU C 295 -5.37 -0.22 46.79
C GLU C 295 -5.97 0.87 47.62
N ARG C 296 -6.64 1.82 46.97
CA ARG C 296 -7.26 2.96 47.65
C ARG C 296 -8.62 2.58 48.26
N LYS C 297 -9.03 1.33 48.03
CA LYS C 297 -10.27 0.80 48.59
C LYS C 297 -11.45 1.61 48.09
N GLU C 298 -11.39 2.11 46.86
CA GLU C 298 -12.54 2.77 46.23
C GLU C 298 -13.34 1.69 45.55
N PRO C 299 -14.66 1.68 45.74
CA PRO C 299 -15.46 0.61 45.14
C PRO C 299 -15.33 0.53 43.65
N LEU C 300 -15.50 -0.65 43.07
CA LEU C 300 -15.33 -0.82 41.64
C LEU C 300 -16.63 -0.65 40.85
N SER C 301 -16.49 0.00 39.70
CA SER C 301 -17.56 0.15 38.73
C SER C 301 -17.48 -1.03 37.77
N PRO C 302 -18.55 -1.36 37.06
CA PRO C 302 -18.45 -2.45 36.07
C PRO C 302 -17.35 -2.17 35.05
N LEU C 303 -17.05 -0.89 34.86
CA LEU C 303 -15.95 -0.47 34.00
C LEU C 303 -14.63 -0.85 34.66
N ASP C 304 -14.51 -0.54 35.94
CA ASP C 304 -13.29 -0.85 36.68
C ASP C 304 -13.02 -2.33 36.58
N LEU C 305 -14.09 -3.11 36.58
CA LEU C 305 -13.99 -4.57 36.46
C LEU C 305 -13.61 -5.02 35.04
N SER C 306 -14.15 -4.38 34.01
CA SER C 306 -13.85 -4.82 32.65
C SER C 306 -12.41 -4.54 32.28
N TYR C 307 -11.77 -3.63 33.01
CA TYR C 307 -10.33 -3.35 32.82
C TYR C 307 -9.45 -4.54 33.20
N LEU C 308 -9.96 -5.36 34.12
CA LEU C 308 -9.27 -6.47 34.79
C LEU C 308 -9.24 -7.80 34.06
N ALA C 309 -10.21 -8.00 33.16
CA ALA C 309 -10.40 -9.30 32.52
C ALA C 309 -9.49 -9.53 31.32
N SER C 310 -9.34 -10.78 30.89
CA SER C 310 -8.68 -11.04 29.63
C SER C 310 -9.63 -10.52 28.53
N LYS C 311 -9.09 -10.17 27.36
CA LYS C 311 -9.93 -9.60 26.31
C LYS C 311 -9.82 -10.40 25.03
N SER C 312 -9.06 -11.49 25.11
CA SER C 312 -8.80 -12.33 23.96
C SER C 312 -9.10 -13.79 24.26
N PRO C 313 -9.62 -14.53 23.26
CA PRO C 313 -10.04 -15.93 23.41
C PRO C 313 -8.94 -16.84 23.99
N GLY C 314 -9.26 -17.65 25.01
CA GLY C 314 -8.26 -18.48 25.67
C GLY C 314 -8.30 -18.52 27.20
N LYS C 315 -7.52 -19.39 27.83
CA LYS C 315 -7.55 -19.51 29.30
C LYS C 315 -7.14 -18.22 29.97
N GLY C 316 -8.08 -17.62 30.70
CA GLY C 316 -7.86 -16.37 31.40
C GLY C 316 -8.67 -16.28 32.67
N LEU C 317 -8.87 -15.07 33.16
CA LEU C 317 -9.64 -14.83 34.38
C LEU C 317 -10.84 -13.96 34.07
N ALA C 318 -11.92 -14.14 34.79
CA ALA C 318 -13.06 -13.22 34.67
C ALA C 318 -13.33 -12.67 36.07
N TYR C 319 -13.93 -11.50 36.19
CA TYR C 319 -14.13 -10.97 37.55
C TYR C 319 -15.55 -10.50 37.86
N THR C 320 -15.84 -10.41 39.16
CA THR C 320 -17.06 -9.80 39.69
C THR C 320 -16.87 -9.32 41.13
N VAL C 321 -17.97 -8.88 41.74
CA VAL C 321 -17.95 -8.36 43.10
C VAL C 321 -19.16 -8.95 43.84
N ILE C 322 -18.89 -9.97 44.65
CA ILE C 322 -19.91 -10.72 45.41
C ILE C 322 -19.97 -10.25 46.85
N ASN C 323 -21.07 -9.59 47.19
CA ASN C 323 -21.28 -9.02 48.51
C ASN C 323 -20.10 -8.16 48.93
N GLY C 324 -19.77 -7.21 48.06
CA GLY C 324 -18.72 -6.25 48.33
C GLY C 324 -17.33 -6.83 48.20
N THR C 325 -17.22 -8.13 47.91
CA THR C 325 -15.91 -8.77 47.79
C THR C 325 -15.46 -8.95 46.36
N LEU C 326 -14.34 -8.34 45.99
CA LEU C 326 -13.81 -8.56 44.67
C LEU C 326 -13.38 -10.03 44.43
N SER C 327 -13.99 -10.67 43.43
CA SER C 327 -13.81 -12.10 43.20
C SER C 327 -13.34 -12.51 41.82
N PHE C 328 -12.51 -13.54 41.74
CA PHE C 328 -12.05 -14.02 40.46
C PHE C 328 -12.43 -15.47 40.22
N ALA C 329 -12.36 -15.88 38.95
CA ALA C 329 -12.56 -17.27 38.58
C ALA C 329 -11.73 -17.57 37.34
N HIS C 330 -11.30 -18.82 37.21
CA HIS C 330 -10.59 -19.25 36.02
C HIS C 330 -11.59 -19.60 34.93
N THR C 331 -11.25 -19.32 33.68
CA THR C 331 -12.12 -19.69 32.56
C THR C 331 -11.48 -19.48 31.21
N ARG C 332 -12.04 -20.17 30.23
CA ARG C 332 -11.60 -20.04 28.86
C ARG C 332 -12.54 -19.06 28.14
N TYR C 333 -11.94 -18.06 27.50
CA TYR C 333 -12.67 -17.02 26.76
C TYR C 333 -12.96 -17.42 25.34
N VAL C 334 -14.15 -17.10 24.88
CA VAL C 334 -14.49 -17.32 23.49
C VAL C 334 -15.06 -16.05 22.90
N ARG C 335 -15.22 -16.04 21.58
CA ARG C 335 -15.79 -14.90 20.84
C ARG C 335 -17.31 -15.10 20.63
N MET C 336 -18.10 -14.16 21.12
CA MET C 336 -19.55 -14.26 21.00
C MET C 336 -20.07 -13.08 20.21
N TRP C 337 -21.23 -13.24 19.59
CA TRP C 337 -21.85 -12.15 18.85
C TRP C 337 -23.20 -11.70 19.47
N ILE C 338 -23.12 -10.65 20.26
CA ILE C 338 -24.28 -10.07 20.90
C ILE C 338 -25.01 -9.11 19.92
N ASP C 339 -26.32 -9.00 20.05
CA ASP C 339 -27.14 -8.22 19.10
C ASP C 339 -26.95 -6.71 19.16
N GLY C 340 -26.51 -6.23 20.32
CA GLY C 340 -26.29 -4.82 20.56
C GLY C 340 -25.56 -4.67 21.88
N PRO C 341 -25.30 -3.42 22.33
CA PRO C 341 -24.57 -3.05 23.56
C PRO C 341 -25.34 -3.31 24.85
N VAL C 342 -26.66 -3.35 24.75
CA VAL C 342 -27.51 -3.78 25.86
C VAL C 342 -28.66 -4.66 25.34
N LEU C 343 -28.66 -5.93 25.73
CA LEU C 343 -29.66 -6.89 25.25
C LEU C 343 -30.83 -6.99 26.23
N LYS C 344 -32.00 -7.42 25.75
CA LYS C 344 -33.13 -7.56 26.65
C LYS C 344 -33.15 -8.98 27.25
N GLU C 345 -32.40 -9.90 26.64
CA GLU C 345 -32.28 -11.25 27.15
C GLU C 345 -30.83 -11.66 27.12
N PRO C 346 -30.36 -12.37 28.16
CA PRO C 346 -28.94 -12.71 28.28
C PRO C 346 -28.57 -13.80 27.29
N LYS C 347 -28.54 -13.40 26.02
CA LYS C 347 -28.33 -14.33 24.91
C LYS C 347 -27.27 -13.81 23.93
N GLY C 348 -26.35 -14.71 23.56
CA GLY C 348 -25.31 -14.41 22.61
C GLY C 348 -25.04 -15.66 21.79
N LYS C 349 -24.51 -15.47 20.59
CA LYS C 349 -24.31 -16.58 19.65
C LYS C 349 -22.90 -17.16 19.73
N ARG C 350 -22.75 -18.29 20.42
CA ARG C 350 -21.42 -18.85 20.69
C ARG C 350 -20.81 -19.62 19.51
N GLU C 351 -19.51 -19.41 19.30
CA GLU C 351 -18.73 -20.07 18.24
C GLU C 351 -19.03 -19.67 16.79
N SER C 352 -20.14 -18.97 16.53
CA SER C 352 -20.46 -18.49 15.17
C SER C 352 -21.61 -17.46 15.14
N PRO C 353 -21.52 -16.46 14.24
CA PRO C 353 -22.54 -15.41 14.11
C PRO C 353 -23.80 -15.91 13.40
N SER C 354 -23.75 -17.12 12.88
CA SER C 354 -24.91 -17.77 12.24
C SER C 354 -25.57 -18.82 13.14
N GLY C 355 -26.60 -18.39 13.89
CA GLY C 355 -27.38 -19.30 14.71
C GLY C 355 -26.83 -19.60 16.11
N ILE C 356 -27.43 -20.58 16.77
CA ILE C 356 -27.07 -21.02 18.13
C ILE C 356 -27.18 -19.87 19.14
N SER C 357 -28.36 -19.25 19.25
CA SER C 357 -28.56 -18.22 20.27
C SER C 357 -28.60 -18.88 21.64
N SER C 358 -27.48 -18.88 22.36
CA SER C 358 -27.43 -19.48 23.69
C SER C 358 -27.44 -18.49 24.84
N ASP C 359 -27.84 -18.94 26.03
CA ASP C 359 -27.70 -18.12 27.24
C ASP C 359 -26.24 -17.88 27.51
N ILE C 360 -25.89 -16.62 27.72
CA ILE C 360 -24.48 -16.30 27.90
C ILE C 360 -24.07 -16.43 29.34
N TRP C 361 -24.97 -16.02 30.23
CA TRP C 361 -24.68 -15.97 31.66
C TRP C 361 -25.90 -16.20 32.50
N THR C 362 -25.73 -16.88 33.63
CA THR C 362 -26.88 -17.15 34.46
C THR C 362 -26.58 -16.92 35.96
N GLN C 363 -25.32 -16.81 36.32
CA GLN C 363 -24.93 -16.69 37.73
C GLN C 363 -24.86 -15.26 38.22
N TRP C 364 -25.99 -14.73 38.69
CA TRP C 364 -26.11 -13.31 39.01
C TRP C 364 -26.08 -12.99 40.50
N PHE C 365 -25.15 -12.11 40.90
CA PHE C 365 -25.01 -11.69 42.27
C PHE C 365 -25.56 -10.31 42.47
N LYS C 366 -25.76 -9.95 43.72
CA LYS C 366 -26.30 -8.65 44.03
C LYS C 366 -25.22 -7.59 43.84
N TYR C 367 -25.67 -6.42 43.42
CA TYR C 367 -24.83 -5.27 43.15
C TYR C 367 -25.75 -4.14 43.55
N GLY C 368 -25.27 -2.90 43.58
CA GLY C 368 -26.07 -1.72 43.97
C GLY C 368 -27.50 -2.04 44.33
N ASP C 369 -28.41 -1.82 43.38
CA ASP C 369 -29.79 -2.25 43.51
C ASP C 369 -30.05 -3.39 42.52
N MET C 370 -29.12 -3.52 41.58
CA MET C 370 -29.19 -4.44 40.45
C MET C 370 -28.26 -5.62 40.62
N GLU C 371 -28.28 -6.55 39.68
CA GLU C 371 -27.42 -7.73 39.76
C GLU C 371 -26.26 -7.58 38.80
N ILE C 372 -25.19 -8.31 39.04
CA ILE C 372 -24.00 -8.15 38.24
C ILE C 372 -23.30 -9.48 37.95
N GLY C 373 -22.94 -9.70 36.68
CA GLY C 373 -22.30 -10.94 36.26
C GLY C 373 -20.78 -10.83 36.22
N PRO C 374 -20.16 -11.35 35.15
CA PRO C 374 -18.70 -11.35 35.04
C PRO C 374 -18.20 -10.07 34.38
N ASN C 375 -17.08 -9.55 34.87
CA ASN C 375 -16.44 -8.40 34.25
C ASN C 375 -17.38 -7.24 34.15
N GLY C 376 -18.25 -7.03 35.11
CA GLY C 376 -19.08 -5.84 35.07
C GLY C 376 -20.28 -5.85 34.12
N LEU C 377 -20.69 -7.05 33.72
CA LEU C 377 -21.91 -7.20 32.95
C LEU C 377 -23.05 -6.99 33.90
N LEU C 378 -23.98 -6.09 33.59
CA LEU C 378 -25.06 -5.79 34.54
C LEU C 378 -26.39 -6.39 34.12
N LYS C 379 -27.14 -6.84 35.12
CA LYS C 379 -28.51 -7.23 34.94
C LYS C 379 -29.33 -6.19 35.68
N THR C 380 -29.97 -5.31 34.92
CA THR C 380 -30.75 -4.21 35.45
C THR C 380 -32.17 -4.37 34.92
N ALA C 381 -33.09 -3.54 35.40
CA ALA C 381 -34.44 -3.60 34.87
C ALA C 381 -34.49 -3.10 33.41
N GLY C 382 -33.45 -2.40 32.97
CA GLY C 382 -33.39 -1.87 31.62
C GLY C 382 -32.83 -2.81 30.58
N GLY C 383 -32.45 -4.01 31.02
CA GLY C 383 -31.90 -5.01 30.14
C GLY C 383 -30.56 -5.41 30.69
N TYR C 384 -29.80 -6.19 29.90
CA TYR C 384 -28.48 -6.66 30.33
C TYR C 384 -27.36 -5.84 29.69
N LYS C 385 -26.71 -4.97 30.45
CA LYS C 385 -25.73 -4.05 29.86
C LYS C 385 -24.31 -4.57 30.01
N PHE C 386 -23.57 -4.54 28.91
CA PHE C 386 -22.15 -4.88 28.94
C PHE C 386 -21.34 -3.62 29.27
N PRO C 387 -20.05 -3.76 29.61
CA PRO C 387 -19.31 -2.52 29.82
C PRO C 387 -19.03 -1.90 28.48
N TRP C 388 -18.64 -0.63 28.44
CA TRP C 388 -18.44 0.01 27.15
C TRP C 388 -17.08 -0.38 26.63
N HIS C 389 -16.14 -0.57 27.54
CA HIS C 389 -14.77 -0.91 27.17
C HIS C 389 -14.75 -2.26 26.50
N LEU C 390 -15.54 -3.19 26.99
CA LEU C 390 -15.49 -4.55 26.47
C LEU C 390 -16.03 -4.52 25.06
N ILE C 391 -17.10 -3.77 24.86
CA ILE C 391 -17.71 -3.63 23.54
C ILE C 391 -16.75 -2.94 22.57
N GLY C 392 -16.09 -1.89 23.03
CA GLY C 392 -15.21 -1.15 22.16
C GLY C 392 -14.05 -2.03 21.75
N MET C 393 -13.59 -2.87 22.67
CA MET C 393 -12.40 -3.62 22.35
C MET C 393 -12.80 -4.77 21.48
N GLY C 394 -14.08 -5.04 21.37
CA GLY C 394 -14.52 -6.11 20.49
C GLY C 394 -14.65 -5.63 19.06
N ILE C 395 -14.92 -4.33 18.91
CA ILE C 395 -15.00 -3.70 17.61
C ILE C 395 -13.65 -3.61 16.92
N VAL C 396 -12.61 -3.35 17.71
CA VAL C 396 -11.27 -3.31 17.16
C VAL C 396 -10.80 -4.71 16.82
N ASP C 397 -10.95 -5.60 17.81
CA ASP C 397 -10.58 -6.99 17.64
C ASP C 397 -11.31 -7.55 16.46
N ASN C 398 -12.43 -6.97 16.07
CA ASN C 398 -13.06 -7.42 14.85
C ASN C 398 -12.39 -6.92 13.61
N GLU C 399 -12.29 -5.62 13.44
CA GLU C 399 -11.78 -5.15 12.16
C GLU C 399 -10.35 -5.65 11.89
N LEU C 400 -9.62 -5.88 12.97
CA LEU C 400 -8.29 -6.43 12.88
C LEU C 400 -8.43 -7.74 12.20
N HIS C 401 -9.59 -8.35 12.35
CA HIS C 401 -9.82 -9.59 11.65
C HIS C 401 -10.15 -9.26 10.19
N GLU C 402 -11.17 -8.46 9.92
CA GLU C 402 -11.47 -8.24 8.51
C GLU C 402 -10.34 -7.57 7.76
N LEU C 403 -9.44 -6.92 8.48
CA LEU C 403 -8.27 -6.35 7.82
C LEU C 403 -7.15 -7.37 7.64
N SER C 404 -7.15 -8.47 8.41
CA SER C 404 -6.09 -9.46 8.27
C SER C 404 -6.31 -10.16 6.93
N GLU C 405 -7.59 -10.44 6.63
CA GLU C 405 -7.98 -11.00 5.35
C GLU C 405 -8.33 -9.97 4.28
N ALA C 406 -7.70 -8.81 4.35
CA ALA C 406 -8.04 -7.71 3.45
C ALA C 406 -7.08 -7.61 2.28
N ASN C 407 -6.14 -8.54 2.21
CA ASN C 407 -5.17 -8.51 1.13
C ASN C 407 -5.71 -9.32 -0.04
N PRO C 408 -5.16 -9.08 -1.27
CA PRO C 408 -5.59 -9.76 -2.52
C PRO C 408 -5.05 -11.15 -2.64
N LEU C 409 -5.86 -12.08 -3.10
CA LEU C 409 -5.32 -13.41 -3.20
C LEU C 409 -5.15 -13.88 -4.64
N ASP C 410 -4.24 -14.82 -4.79
CA ASP C 410 -3.88 -15.42 -6.06
C ASP C 410 -4.83 -16.44 -6.68
N HIS C 411 -5.61 -16.01 -7.68
CA HIS C 411 -6.47 -16.93 -8.42
C HIS C 411 -5.79 -17.40 -9.72
N PRO C 412 -5.53 -18.72 -9.85
CA PRO C 412 -4.83 -19.27 -11.02
C PRO C 412 -5.79 -19.40 -12.20
N GLN C 413 -5.31 -19.63 -13.41
CA GLN C 413 -6.22 -19.81 -14.55
C GLN C 413 -6.37 -21.27 -14.98
C1 NAG D . -18.06 33.14 41.07
C2 NAG D . -19.38 33.59 40.39
C3 NAG D . -20.30 34.31 41.38
C4 NAG D . -19.59 35.37 42.20
C5 NAG D . -18.14 35.48 41.78
C6 NAG D . -17.35 36.42 42.65
C7 NAG D . -19.34 33.90 37.97
C8 NAG D . -18.99 34.80 36.82
N2 NAG D . -19.12 34.38 39.20
O3 NAG D . -20.82 33.31 42.25
O4 NAG D . -20.19 36.67 42.10
O5 NAG D . -17.56 34.18 41.96
O6 NAG D . -17.57 36.13 44.02
O7 NAG D . -19.82 32.79 37.80
C1 NAG D . -21.19 36.97 43.12
C2 NAG D . -20.97 36.52 44.60
C3 NAG D . -21.05 37.74 45.51
C4 NAG D . -22.35 38.51 45.27
C5 NAG D . -22.52 38.83 43.78
C6 NAG D . -22.73 40.30 43.48
C7 NAG D . -21.64 34.44 45.78
C8 NAG D . -22.79 33.52 46.08
N2 NAG D . -21.93 35.51 45.02
O3 NAG D . -19.92 38.59 45.28
O4 NAG D . -23.46 37.73 45.69
O5 NAG D . -21.36 38.40 43.07
O6 NAG D . -21.74 41.13 44.09
O7 NAG D . -20.51 34.22 46.18
C1 NAG E . 19.06 7.38 52.93
C2 NAG E . 20.24 6.90 53.86
C3 NAG E . 21.04 8.09 54.37
C4 NAG E . 21.48 9.01 53.24
C5 NAG E . 20.25 9.47 52.44
C6 NAG E . 20.60 10.30 51.23
C7 NAG E . 19.98 4.75 55.11
C8 NAG E . 20.73 4.10 54.00
N2 NAG E . 19.77 6.08 54.97
O3 NAG E . 22.20 7.66 55.09
O4 NAG E . 22.15 10.13 53.79
O5 NAG E . 19.54 8.33 51.97
O6 NAG E . 21.79 11.04 51.40
O7 NAG E . 19.57 4.11 56.09
C1 FUC E . 21.53 12.41 51.78
C2 FUC E . 21.12 13.31 50.54
C3 FUC E . 19.68 13.92 50.62
C4 FUC E . 19.37 14.39 52.04
C5 FUC E . 19.42 13.18 52.96
C6 FUC E . 18.99 13.47 54.40
O2 FUC E . 21.35 12.62 49.31
O3 FUC E . 19.53 15.04 49.74
O4 FUC E . 20.30 15.39 52.46
O5 FUC E . 20.76 12.59 53.02
C1 NAG F . 29.81 -1.13 -38.57
C2 NAG F . 30.89 -1.69 -39.51
C3 NAG F . 30.46 -1.53 -40.99
C4 NAG F . 29.69 -0.23 -41.21
C5 NAG F . 30.03 0.78 -40.14
C6 NAG F . 29.39 2.13 -40.36
C7 NAG F . 33.33 -1.57 -39.77
C8 NAG F . 34.58 -0.83 -39.40
N2 NAG F . 32.19 -1.09 -39.27
O3 NAG F . 29.66 -2.65 -41.36
O4 NAG F . 30.01 0.31 -42.48
O5 NAG F . 29.57 0.31 -38.86
O6 NAG F . 30.00 3.14 -39.57
O7 NAG F . 33.37 -2.58 -40.48
C1 NAG G . 0.09 -30.37 -38.78
C2 NAG G . -1.13 -31.29 -38.83
C3 NAG G . -2.21 -30.68 -39.73
C4 NAG G . -1.58 -29.91 -40.89
C5 NAG G . -0.17 -30.44 -41.22
C6 NAG G . 0.48 -29.69 -42.36
C7 NAG G . -1.58 -33.68 -39.26
C8 NAG G . -1.02 -34.97 -39.80
N2 NAG G . -0.76 -32.63 -39.29
O3 NAG G . -2.98 -29.78 -38.95
O4 NAG G . -2.41 -30.02 -42.03
O5 NAG G . 0.71 -30.32 -40.09
O6 NAG G . 1.75 -29.19 -41.99
O7 NAG G . -2.72 -33.62 -38.83
#